data_5MQT
#
_entry.id   5MQT
#
_cell.length_a   93.300
_cell.length_b   93.300
_cell.length_c   342.715
_cell.angle_alpha   90.00
_cell.angle_beta   90.00
_cell.angle_gamma   90.00
#
_symmetry.space_group_name_H-M   'P 43 21 2'
#
loop_
_entity.id
_entity.type
_entity.pdbx_description
1 polymer 'Deoxycytidine kinase'
2 non-polymer "URIDINE-5'-DIPHOSPHATE"
3 non-polymer 4-(4-METHYL-PIPERAZIN-1-YLMETHYL)-N-[4-METHYL-3-(4-PYRIDIN-3-YL-PYRIMIDIN-2-YLAMINO)-PHENYL]-BENZAMIDE
4 non-polymer 'MAGNESIUM ION'
5 non-polymer "2'-DEOXYCYTIDINE-5'-MONOPHOSPHATE"
6 water water
#
_entity_poly.entity_id   1
_entity_poly.type   'polypeptide(L)'
_entity_poly.pdbx_seq_one_letter_code
;MSYYHHHHHHLESTSLYKKAGLENLYFQGMATPPKRSSPSFSASSEGTRIKKISIEGNIAAGKSTFVNILKQLSEDWEVV
PEPVARWSNVQSTQDEFEELTMSQKNGGNVLQMMYEKPERWSFTFQTYACLSRIRAQLASLNGKLKDAEKPVLFFERSVY
SDRYIFASNLYESECMNETEWTIYQDWHDWMNNQFGQSLELDGIIYLQATPETCLHRIYLRGRNEEQGIPLEYLEKLHYK
HESWLLHRTLKTNFDYLQEVPILTLDVNEDFKDKYESLVEKVKEFLSTL
;
_entity_poly.pdbx_strand_id   A,B,C,D
#
# COMPACT_ATOMS: atom_id res chain seq x y z
N ARG A 49 13.22 34.93 36.40
CA ARG A 49 12.97 33.85 35.45
C ARG A 49 12.90 34.41 34.05
N ILE A 50 12.49 33.60 33.08
CA ILE A 50 12.43 34.11 31.72
C ILE A 50 11.10 34.85 31.58
N LYS A 51 11.16 36.10 31.10
CA LYS A 51 9.98 36.93 30.88
C LYS A 51 9.43 36.65 29.48
N LYS A 52 8.13 36.35 29.37
CA LYS A 52 7.51 36.04 28.08
C LYS A 52 6.73 37.24 27.50
N ILE A 53 7.22 37.75 26.37
CA ILE A 53 6.58 38.83 25.62
C ILE A 53 6.24 38.28 24.23
N SER A 54 5.07 38.65 23.70
CA SER A 54 4.67 38.21 22.37
C SER A 54 4.55 39.42 21.45
N ILE A 55 4.92 39.24 20.18
CA ILE A 55 4.83 40.28 19.15
C ILE A 55 3.57 39.98 18.32
N GLU A 56 2.59 40.86 18.42
CA GLU A 56 1.31 40.71 17.75
C GLU A 56 1.12 41.77 16.72
N GLY A 57 0.43 41.39 15.66
CA GLY A 57 0.18 42.29 14.54
C GLY A 57 -0.38 41.58 13.33
N ASN A 58 -0.95 42.35 12.39
CA ASN A 58 -1.55 41.85 11.16
C ASN A 58 -0.43 41.33 10.18
N ILE A 59 -0.84 40.70 9.06
CA ILE A 59 0.08 40.23 8.02
C ILE A 59 0.90 41.44 7.49
N ALA A 60 2.22 41.28 7.35
CA ALA A 60 3.21 42.24 6.82
C ALA A 60 3.35 43.53 7.64
N ALA A 61 2.75 43.58 8.87
CA ALA A 61 2.85 44.76 9.73
C ALA A 61 4.32 45.16 9.95
N GLY A 62 5.16 44.15 10.22
CA GLY A 62 6.61 44.28 10.40
C GLY A 62 7.18 43.47 11.56
N LYS A 63 6.43 42.43 12.02
CA LYS A 63 6.79 41.55 13.17
C LYS A 63 8.14 40.81 13.04
N SER A 64 8.38 40.13 11.89
CA SER A 64 9.60 39.37 11.59
C SER A 64 10.78 40.32 11.41
N THR A 65 10.52 41.57 10.99
CA THR A 65 11.52 42.61 10.79
C THR A 65 11.99 43.10 12.16
N PHE A 66 11.05 43.27 13.10
CA PHE A 66 11.27 43.71 14.48
C PHE A 66 11.89 42.61 15.32
N VAL A 67 11.39 41.37 15.23
CA VAL A 67 11.95 40.29 16.06
C VAL A 67 13.43 40.05 15.69
N ASN A 68 13.79 40.27 14.43
CA ASN A 68 15.17 40.19 14.03
C ASN A 68 16.03 41.31 14.61
N ILE A 69 15.56 42.54 14.56
CA ILE A 69 16.25 43.72 15.12
C ILE A 69 16.59 43.49 16.60
N LEU A 70 15.55 43.19 17.43
CA LEU A 70 15.62 42.93 18.87
C LEU A 70 16.60 41.82 19.26
N LYS A 71 16.64 40.72 18.47
CA LYS A 71 17.49 39.54 18.63
C LYS A 71 18.97 39.95 18.69
N GLN A 72 19.38 40.79 17.73
CA GLN A 72 20.73 41.32 17.55
C GLN A 72 21.18 42.26 18.67
N LEU A 73 20.23 42.95 19.34
CA LEU A 73 20.52 43.96 20.37
C LEU A 73 21.03 43.41 21.72
N SER A 74 20.53 42.25 22.19
CA SER A 74 21.01 41.67 23.45
C SER A 74 21.22 40.13 23.40
N GLU A 75 22.18 39.70 24.24
CA GLU A 75 22.57 38.32 24.47
C GLU A 75 21.49 37.68 25.36
N ASP A 76 20.83 38.52 26.16
CA ASP A 76 19.75 38.16 27.07
C ASP A 76 18.40 38.14 26.33
N TRP A 77 18.40 38.57 25.06
CA TRP A 77 17.20 38.57 24.24
C TRP A 77 17.22 37.46 23.15
N GLU A 78 16.27 36.50 23.28
CA GLU A 78 16.01 35.36 22.40
C GLU A 78 14.56 35.44 21.87
N VAL A 79 14.39 35.00 20.61
CA VAL A 79 13.19 35.11 19.79
C VAL A 79 12.68 33.75 19.31
N VAL A 80 11.36 33.56 19.35
CA VAL A 80 10.67 32.35 18.89
C VAL A 80 9.81 32.61 17.60
N PRO A 81 10.37 32.26 16.41
CA PRO A 81 9.66 32.50 15.13
C PRO A 81 8.36 31.72 14.97
N GLU A 82 7.39 32.35 14.31
CA GLU A 82 6.08 31.77 14.02
C GLU A 82 6.28 30.47 13.21
N PRO A 83 5.52 29.36 13.44
CA PRO A 83 5.73 28.16 12.60
C PRO A 83 5.33 28.44 11.14
N VAL A 84 4.18 29.17 10.93
CA VAL A 84 3.59 29.61 9.65
C VAL A 84 4.66 30.31 8.82
N ALA A 85 5.25 31.34 9.43
CA ALA A 85 6.31 32.19 8.88
C ALA A 85 7.51 31.36 8.45
N ARG A 86 7.81 30.30 9.16
CA ARG A 86 8.90 29.50 8.74
C ARG A 86 8.43 28.82 7.49
N TRP A 87 7.32 28.12 7.61
CA TRP A 87 6.77 27.34 6.48
C TRP A 87 6.62 28.18 5.19
N SER A 88 6.66 29.53 5.33
CA SER A 88 6.62 30.55 4.25
C SER A 88 8.09 30.87 3.76
N ASN A 89 8.90 29.81 3.63
CA ASN A 89 10.28 29.80 3.19
C ASN A 89 10.33 30.10 1.70
N THR A 101 13.59 16.23 9.18
CA THR A 101 12.99 17.57 9.21
C THR A 101 11.48 17.50 8.85
N MET A 102 10.79 16.44 9.31
CA MET A 102 9.38 16.15 9.06
C MET A 102 8.40 17.16 9.64
N SER A 103 8.77 17.86 10.75
CA SER A 103 7.92 18.87 11.39
C SER A 103 7.77 20.12 10.50
N GLN A 104 8.79 20.36 9.66
CA GLN A 104 8.88 21.43 8.67
C GLN A 104 8.36 20.94 7.30
N LYS A 105 8.61 19.64 6.97
CA LYS A 105 8.13 19.00 5.73
C LYS A 105 6.58 19.02 5.66
N ASN A 106 5.90 18.61 6.77
CA ASN A 106 4.45 18.60 6.96
C ASN A 106 3.91 20.01 6.82
N GLY A 107 4.64 20.98 7.42
CA GLY A 107 4.29 22.39 7.42
C GLY A 107 4.05 22.94 6.04
N GLY A 108 5.02 22.70 5.16
CA GLY A 108 4.99 23.07 3.75
C GLY A 108 3.80 22.47 3.03
N ASN A 109 3.65 21.12 3.13
CA ASN A 109 2.56 20.34 2.55
C ASN A 109 1.20 20.92 2.89
N VAL A 110 0.90 21.06 4.21
CA VAL A 110 -0.39 21.56 4.72
C VAL A 110 -0.65 23.01 4.32
N LEU A 111 0.40 23.87 4.30
CA LEU A 111 0.26 25.27 3.90
C LEU A 111 -0.10 25.40 2.41
N GLN A 112 0.43 24.48 1.53
CA GLN A 112 0.15 24.44 0.08
C GLN A 112 -1.29 23.99 -0.12
N MET A 113 -1.76 23.02 0.70
CA MET A 113 -3.15 22.54 0.61
C MET A 113 -4.07 23.65 1.13
N MET A 114 -3.66 24.35 2.23
CA MET A 114 -4.38 25.45 2.89
C MET A 114 -4.76 26.53 1.90
N TYR A 115 -3.79 26.98 1.08
CA TYR A 115 -4.03 27.95 0.03
C TYR A 115 -4.96 27.34 -1.04
N GLU A 116 -4.64 26.11 -1.52
CA GLU A 116 -5.36 25.31 -2.54
C GLU A 116 -6.88 25.08 -2.27
N LYS A 117 -7.29 24.84 -1.00
CA LYS A 117 -8.70 24.63 -0.61
C LYS A 117 -8.88 24.83 0.90
N PRO A 118 -9.06 26.09 1.33
CA PRO A 118 -9.21 26.39 2.77
C PRO A 118 -10.46 25.78 3.43
N GLU A 119 -11.45 25.32 2.63
CA GLU A 119 -12.70 24.73 3.15
C GLU A 119 -12.39 23.36 3.70
N ARG A 120 -11.32 22.72 3.18
CA ARG A 120 -10.93 21.37 3.61
C ARG A 120 -9.77 21.33 4.65
N TRP A 121 -8.79 22.22 4.54
CA TRP A 121 -7.59 22.18 5.36
C TRP A 121 -7.51 23.21 6.52
N SER A 122 -8.52 24.10 6.69
CA SER A 122 -8.57 25.10 7.78
C SER A 122 -8.34 24.43 9.17
N PHE A 123 -9.14 23.39 9.51
CA PHE A 123 -8.97 22.67 10.77
C PHE A 123 -7.58 22.03 10.83
N THR A 124 -7.25 21.15 9.84
CA THR A 124 -5.97 20.46 9.81
C THR A 124 -4.78 21.43 10.00
N PHE A 125 -4.79 22.60 9.32
CA PHE A 125 -3.75 23.64 9.45
C PHE A 125 -3.73 24.31 10.84
N GLN A 126 -4.85 24.97 11.25
CA GLN A 126 -4.89 25.69 12.51
C GLN A 126 -4.52 24.84 13.73
N THR A 127 -4.67 23.51 13.60
CA THR A 127 -4.31 22.48 14.56
C THR A 127 -2.76 22.31 14.57
N TYR A 128 -2.17 21.80 13.45
CA TYR A 128 -0.72 21.56 13.34
C TYR A 128 0.12 22.78 13.66
N ALA A 129 -0.30 23.97 13.17
CA ALA A 129 0.35 25.26 13.39
C ALA A 129 0.41 25.67 14.84
N CYS A 130 -0.60 25.28 15.63
CA CYS A 130 -0.70 25.57 17.06
C CYS A 130 0.11 24.59 17.92
N LEU A 131 0.06 23.28 17.57
CA LEU A 131 0.83 22.24 18.26
C LEU A 131 2.30 22.59 18.07
N SER A 132 2.67 23.03 16.84
CA SER A 132 4.02 23.46 16.47
C SER A 132 4.50 24.57 17.40
N ARG A 133 3.69 25.64 17.56
CA ARG A 133 3.94 26.80 18.43
C ARG A 133 4.27 26.37 19.87
N ILE A 134 3.40 25.55 20.48
CA ILE A 134 3.59 25.02 21.83
C ILE A 134 4.94 24.28 21.93
N ARG A 135 5.21 23.41 20.97
CA ARG A 135 6.43 22.61 20.86
C ARG A 135 7.70 23.46 20.75
N ALA A 136 7.64 24.58 19.98
CA ALA A 136 8.77 25.49 19.76
C ALA A 136 9.05 26.33 20.98
N GLN A 137 7.98 26.84 21.57
CA GLN A 137 8.06 27.71 22.73
C GLN A 137 8.46 26.96 23.98
N LEU A 138 7.93 25.74 24.21
CA LEU A 138 8.32 24.92 25.38
C LEU A 138 9.79 24.52 25.33
N ALA A 139 10.31 24.42 24.10
CA ALA A 139 11.70 24.08 23.78
C ALA A 139 12.58 25.29 24.06
N SER A 140 12.06 26.49 23.75
CA SER A 140 12.83 27.71 23.96
C SER A 140 13.04 28.02 25.44
N LEU A 141 12.05 27.73 26.29
CA LEU A 141 12.12 27.97 27.74
C LEU A 141 13.29 27.25 28.41
N ASN A 142 13.66 26.06 27.88
CA ASN A 142 14.76 25.23 28.38
C ASN A 142 16.08 25.50 27.64
N GLY A 143 16.07 26.52 26.80
CA GLY A 143 17.23 26.98 26.02
C GLY A 143 18.23 27.78 26.82
N LYS A 144 19.20 28.40 26.10
CA LYS A 144 20.35 29.19 26.61
C LYS A 144 20.00 30.30 27.64
N LEU A 145 18.80 30.94 27.52
CA LEU A 145 18.30 32.00 28.42
C LEU A 145 18.19 31.59 29.89
N LYS A 146 17.84 30.30 30.14
CA LYS A 146 17.67 29.70 31.48
C LYS A 146 18.65 30.30 32.52
N ASP A 147 19.97 30.31 32.21
CA ASP A 147 20.99 30.86 33.11
C ASP A 147 21.64 32.15 32.56
N ALA A 148 20.80 33.15 32.19
CA ALA A 148 21.25 34.46 31.69
C ALA A 148 20.71 35.58 32.60
N GLU A 149 21.57 36.56 32.98
CA GLU A 149 21.19 37.68 33.84
C GLU A 149 20.18 38.63 33.16
N LYS A 150 18.89 38.57 33.56
CA LYS A 150 17.74 39.33 33.01
C LYS A 150 17.31 38.83 31.61
N PRO A 151 16.73 37.58 31.47
CA PRO A 151 16.36 37.08 30.13
C PRO A 151 14.92 37.43 29.69
N VAL A 152 14.76 37.72 28.40
CA VAL A 152 13.45 38.03 27.81
C VAL A 152 13.25 37.16 26.58
N LEU A 153 12.12 36.50 26.53
CA LEU A 153 11.78 35.64 25.43
C LEU A 153 10.65 36.29 24.62
N PHE A 154 11.00 36.77 23.41
CA PHE A 154 10.07 37.36 22.46
C PHE A 154 9.47 36.25 21.56
N PHE A 155 8.11 36.16 21.49
CA PHE A 155 7.40 35.17 20.68
C PHE A 155 6.79 35.81 19.46
N GLU A 156 7.18 35.37 18.26
CA GLU A 156 6.54 35.88 17.06
C GLU A 156 5.11 35.27 17.05
N ARG A 157 4.08 36.04 17.54
CA ARG A 157 2.64 35.70 17.70
C ARG A 157 2.38 34.66 18.79
N SER A 158 1.21 34.72 19.40
CA SER A 158 0.94 33.84 20.51
C SER A 158 -0.05 32.74 20.17
N VAL A 159 -0.23 31.81 21.12
CA VAL A 159 -1.21 30.75 21.06
C VAL A 159 -2.62 31.35 21.10
N TYR A 160 -2.79 32.62 21.55
CA TYR A 160 -4.10 33.31 21.66
C TYR A 160 -4.53 33.97 20.35
N SER A 161 -3.55 34.35 19.49
CA SER A 161 -3.81 34.98 18.18
C SER A 161 -4.21 33.92 17.18
N ASP A 162 -3.58 32.73 17.29
CA ASP A 162 -3.87 31.56 16.46
C ASP A 162 -5.36 31.31 16.51
N ARG A 163 -5.93 31.27 17.73
CA ARG A 163 -7.32 30.98 18.01
C ARG A 163 -8.25 32.15 17.80
N TYR A 164 -7.99 33.27 18.49
CA TYR A 164 -8.87 34.44 18.56
C TYR A 164 -8.83 35.36 17.33
N ILE A 165 -7.77 35.28 16.50
CA ILE A 165 -7.74 36.11 15.31
C ILE A 165 -7.95 35.24 14.07
N PHE A 166 -7.01 34.32 13.77
CA PHE A 166 -7.00 33.50 12.56
C PHE A 166 -7.99 32.37 12.56
N ALA A 167 -7.94 31.45 13.55
CA ALA A 167 -8.88 30.33 13.63
C ALA A 167 -10.31 30.81 13.76
N SER A 168 -10.54 31.93 14.47
CA SER A 168 -11.85 32.58 14.66
C SER A 168 -12.38 33.05 13.29
N ASN A 169 -11.55 33.85 12.58
CA ASN A 169 -11.80 34.39 11.24
C ASN A 169 -12.17 33.30 10.24
N LEU A 170 -11.44 32.14 10.28
CA LEU A 170 -11.67 30.99 9.38
C LEU A 170 -12.99 30.24 9.67
N TYR A 171 -13.49 30.30 10.91
CA TYR A 171 -14.76 29.73 11.23
C TYR A 171 -15.85 30.65 10.66
N GLU A 172 -15.63 31.98 10.79
CA GLU A 172 -16.51 33.05 10.32
C GLU A 172 -16.54 33.18 8.79
N SER A 173 -15.48 32.74 8.09
CA SER A 173 -15.34 32.70 6.63
C SER A 173 -16.11 31.51 6.08
N GLU A 174 -16.53 30.60 6.98
CA GLU A 174 -17.20 29.31 6.71
C GLU A 174 -16.17 28.28 6.21
N CYS A 175 -14.87 28.52 6.46
CA CYS A 175 -13.81 27.60 6.08
C CYS A 175 -13.68 26.44 7.05
N MET A 176 -14.23 26.62 8.24
CA MET A 176 -14.31 25.61 9.29
C MET A 176 -15.77 25.56 9.66
N ASN A 177 -16.38 24.36 9.69
CA ASN A 177 -17.78 24.28 10.08
C ASN A 177 -17.94 24.36 11.62
N GLU A 178 -19.18 24.28 12.12
CA GLU A 178 -19.44 24.37 13.55
C GLU A 178 -18.79 23.23 14.27
N THR A 179 -18.94 21.98 13.75
CA THR A 179 -18.31 20.79 14.35
C THR A 179 -16.77 20.90 14.36
N GLU A 180 -16.16 21.48 13.29
CA GLU A 180 -14.71 21.71 13.18
C GLU A 180 -14.35 22.68 14.29
N TRP A 181 -15.10 23.79 14.37
CA TRP A 181 -14.92 24.86 15.35
C TRP A 181 -15.06 24.44 16.80
N THR A 182 -16.03 23.56 17.11
CA THR A 182 -16.24 23.05 18.46
C THR A 182 -15.01 22.25 18.84
N ILE A 183 -14.62 21.24 18.00
CA ILE A 183 -13.44 20.42 18.23
C ILE A 183 -12.18 21.29 18.35
N TYR A 184 -11.99 22.30 17.46
CA TYR A 184 -10.81 23.17 17.57
C TYR A 184 -10.73 23.85 18.94
N GLN A 185 -11.80 24.57 19.32
CA GLN A 185 -11.84 25.26 20.61
C GLN A 185 -11.53 24.35 21.76
N ASP A 186 -12.04 23.10 21.72
CA ASP A 186 -11.83 22.07 22.74
C ASP A 186 -10.40 21.54 22.78
N TRP A 187 -9.81 21.35 21.60
CA TRP A 187 -8.45 20.88 21.41
C TRP A 187 -7.49 21.96 21.89
N HIS A 188 -7.81 23.23 21.63
CA HIS A 188 -7.01 24.40 22.03
C HIS A 188 -7.07 24.60 23.54
N ASP A 189 -8.27 24.47 24.14
CA ASP A 189 -8.52 24.63 25.58
C ASP A 189 -7.69 23.61 26.36
N TRP A 190 -7.64 22.35 25.85
CA TRP A 190 -6.93 21.26 26.48
C TRP A 190 -5.42 21.38 26.32
N MET A 191 -4.88 21.35 25.07
CA MET A 191 -3.45 21.47 24.78
C MET A 191 -2.85 22.51 25.69
N ASN A 192 -3.41 23.73 25.67
CA ASN A 192 -2.94 24.85 26.46
C ASN A 192 -3.01 24.65 27.96
N ASN A 193 -4.15 24.17 28.51
CA ASN A 193 -4.20 24.02 29.97
C ASN A 193 -3.32 22.90 30.53
N GLN A 194 -2.89 21.98 29.69
CA GLN A 194 -2.03 20.91 30.18
C GLN A 194 -0.55 21.17 30.00
N PHE A 195 -0.13 21.15 28.75
CA PHE A 195 1.25 21.31 28.29
C PHE A 195 1.85 22.71 28.43
N GLY A 196 1.19 23.71 27.88
CA GLY A 196 1.76 25.07 27.89
C GLY A 196 1.37 26.03 28.99
N GLN A 197 1.14 25.57 30.27
CA GLN A 197 0.76 26.45 31.40
C GLN A 197 1.85 27.48 31.84
N SER A 198 3.10 27.26 31.37
CA SER A 198 4.28 28.10 31.61
C SER A 198 4.28 29.25 30.60
N LEU A 199 3.99 28.93 29.30
CA LEU A 199 3.90 29.80 28.12
C LEU A 199 2.90 30.97 28.27
N GLU A 200 2.43 31.18 29.51
CA GLU A 200 1.57 32.27 29.90
C GLU A 200 2.42 33.52 29.77
N LEU A 201 1.83 34.56 29.17
CA LEU A 201 2.49 35.82 28.88
C LEU A 201 2.63 36.81 30.04
N ASP A 202 3.82 37.46 30.07
CA ASP A 202 4.21 38.52 30.98
C ASP A 202 3.81 39.89 30.36
N GLY A 203 3.71 39.93 29.02
CA GLY A 203 3.33 41.11 28.25
C GLY A 203 3.19 40.90 26.75
N ILE A 204 2.44 41.82 26.08
CA ILE A 204 2.19 41.81 24.62
C ILE A 204 2.60 43.15 23.98
N ILE A 205 3.44 43.09 22.94
CA ILE A 205 3.82 44.27 22.20
C ILE A 205 2.98 44.22 20.93
N TYR A 206 2.05 45.19 20.73
CA TYR A 206 1.16 45.31 19.56
C TYR A 206 1.85 46.17 18.51
N LEU A 207 2.04 45.66 17.28
CA LEU A 207 2.64 46.39 16.15
C LEU A 207 1.50 46.86 15.22
N GLN A 208 1.13 48.12 15.42
CA GLN A 208 -0.01 48.74 14.77
C GLN A 208 0.27 49.31 13.40
N ALA A 209 -0.57 48.91 12.42
CA ALA A 209 -0.45 49.36 11.03
C ALA A 209 -1.77 49.29 10.34
N THR A 210 -2.03 50.33 9.52
CA THR A 210 -3.23 50.39 8.71
C THR A 210 -3.31 49.17 7.77
N PRO A 211 -4.50 48.56 7.55
CA PRO A 211 -4.58 47.45 6.58
C PRO A 211 -3.92 47.82 5.23
N GLU A 212 -4.01 49.12 4.86
CA GLU A 212 -3.39 49.71 3.68
C GLU A 212 -1.86 49.50 3.70
N THR A 213 -1.20 49.80 4.86
CA THR A 213 0.25 49.68 5.09
C THR A 213 0.68 48.27 4.84
N CYS A 214 -0.08 47.32 5.40
CA CYS A 214 0.18 45.89 5.31
C CYS A 214 0.05 45.39 3.89
N LEU A 215 -0.95 45.89 3.15
CA LEU A 215 -1.19 45.55 1.75
C LEU A 215 0.02 45.94 0.88
N HIS A 216 0.66 47.07 1.21
CA HIS A 216 1.84 47.55 0.51
C HIS A 216 3.02 46.62 0.82
N ARG A 217 3.30 46.40 2.12
CA ARG A 217 4.36 45.53 2.66
C ARG A 217 4.18 44.05 2.27
N ILE A 218 2.98 43.65 1.77
CA ILE A 218 2.71 42.30 1.27
C ILE A 218 3.38 42.23 -0.11
N TYR A 219 3.24 43.30 -0.94
CA TYR A 219 3.90 43.41 -2.24
C TYR A 219 5.42 43.47 -2.03
N LEU A 220 5.88 44.38 -1.12
CA LEU A 220 7.31 44.54 -0.81
C LEU A 220 7.95 43.19 -0.45
N ARG A 221 7.17 42.31 0.22
CA ARG A 221 7.53 40.94 0.58
C ARG A 221 7.63 40.12 -0.71
N GLY A 222 6.50 39.94 -1.42
CA GLY A 222 6.46 39.27 -2.72
C GLY A 222 6.10 37.79 -2.80
N ARG A 223 5.69 37.17 -1.67
CA ARG A 223 5.27 35.75 -1.63
C ARG A 223 4.08 35.72 -2.57
N ASN A 224 4.25 35.05 -3.71
CA ASN A 224 3.26 35.06 -4.79
C ASN A 224 1.82 34.69 -4.35
N GLU A 225 1.67 33.77 -3.38
CA GLU A 225 0.39 33.33 -2.82
C GLU A 225 -0.21 34.51 -2.09
N GLU A 226 0.62 35.19 -1.27
CA GLU A 226 0.26 36.40 -0.55
C GLU A 226 -0.26 37.54 -1.47
N GLN A 227 0.26 37.65 -2.72
CA GLN A 227 -0.11 38.70 -3.69
C GLN A 227 -1.59 38.73 -4.06
N GLY A 228 -2.33 37.73 -3.58
CA GLY A 228 -3.76 37.62 -3.80
C GLY A 228 -4.61 38.30 -2.75
N ILE A 229 -4.14 38.27 -1.46
CA ILE A 229 -4.77 38.83 -0.25
C ILE A 229 -5.50 40.17 -0.49
N PRO A 230 -6.85 40.26 -0.26
CA PRO A 230 -7.54 41.54 -0.49
C PRO A 230 -7.44 42.47 0.73
N LEU A 231 -7.69 43.80 0.51
CA LEU A 231 -7.70 44.78 1.60
C LEU A 231 -8.82 44.40 2.60
N GLU A 232 -9.97 43.94 2.06
CA GLU A 232 -11.10 43.49 2.88
C GLU A 232 -10.62 42.51 3.93
N TYR A 233 -9.79 41.49 3.53
CA TYR A 233 -9.30 40.49 4.47
C TYR A 233 -8.46 41.08 5.58
N LEU A 234 -7.54 42.00 5.23
CA LEU A 234 -6.63 42.63 6.20
C LEU A 234 -7.37 43.55 7.14
N GLU A 235 -8.49 44.12 6.66
CA GLU A 235 -9.38 45.02 7.40
C GLU A 235 -10.18 44.23 8.44
N LYS A 236 -10.53 42.98 8.12
CA LYS A 236 -11.29 42.11 9.03
C LYS A 236 -10.42 41.68 10.19
N LEU A 237 -9.09 41.45 9.90
CA LEU A 237 -8.04 41.04 10.86
C LEU A 237 -7.59 42.23 11.69
N HIS A 238 -7.65 43.43 11.10
CA HIS A 238 -7.26 44.65 11.77
C HIS A 238 -8.20 44.90 12.95
N TYR A 239 -9.47 44.99 12.62
CA TYR A 239 -10.53 45.14 13.58
C TYR A 239 -10.51 44.03 14.65
N LYS A 240 -9.98 42.83 14.35
CA LYS A 240 -9.91 41.79 15.38
C LYS A 240 -8.82 42.15 16.42
N HIS A 241 -7.62 42.58 15.94
CA HIS A 241 -6.48 43.01 16.77
C HIS A 241 -6.81 44.21 17.64
N GLU A 242 -7.49 45.21 17.04
CA GLU A 242 -7.91 46.45 17.67
C GLU A 242 -8.86 46.18 18.82
N SER A 243 -9.83 45.30 18.60
CA SER A 243 -10.81 44.91 19.60
C SER A 243 -10.12 44.17 20.73
N TRP A 244 -9.18 43.29 20.40
CA TRP A 244 -8.52 42.50 21.42
C TRP A 244 -7.55 43.28 22.30
N LEU A 245 -6.45 43.78 21.68
CA LEU A 245 -5.32 44.48 22.31
C LEU A 245 -5.48 46.01 22.55
N LEU A 246 -6.11 46.75 21.63
CA LEU A 246 -6.24 48.22 21.74
C LEU A 246 -7.46 48.71 22.53
N HIS A 247 -8.65 48.15 22.25
CA HIS A 247 -9.86 48.53 22.94
C HIS A 247 -10.07 47.62 24.12
N ARG A 248 -9.52 46.40 24.03
CA ARG A 248 -9.59 45.29 25.00
C ARG A 248 -11.05 44.85 25.28
N THR A 249 -11.89 44.89 24.23
CA THR A 249 -13.29 44.44 24.28
C THR A 249 -13.39 42.97 23.93
N LEU A 250 -12.33 42.37 23.33
CA LEU A 250 -12.35 40.95 22.95
C LEU A 250 -12.27 40.02 24.16
N LYS A 251 -13.36 39.27 24.38
CA LYS A 251 -13.54 38.29 25.43
C LYS A 251 -12.80 36.97 25.07
N THR A 252 -11.92 36.45 25.99
CA THR A 252 -11.16 35.19 25.77
C THR A 252 -11.43 34.22 26.90
N ASN A 253 -11.23 32.92 26.63
CA ASN A 253 -11.36 31.84 27.61
C ASN A 253 -10.21 31.86 28.68
N PHE A 254 -9.13 32.65 28.43
CA PHE A 254 -7.95 32.82 29.29
C PHE A 254 -8.02 34.14 30.13
N ASP A 255 -8.61 34.02 31.34
CA ASP A 255 -8.92 35.09 32.31
C ASP A 255 -7.79 36.05 32.64
N TYR A 256 -6.54 35.57 32.67
CA TYR A 256 -5.38 36.40 33.02
C TYR A 256 -5.08 37.49 31.95
N LEU A 257 -5.43 37.21 30.67
CA LEU A 257 -5.25 38.11 29.53
C LEU A 257 -6.06 39.41 29.63
N GLN A 258 -6.90 39.53 30.68
CA GLN A 258 -7.70 40.71 30.99
C GLN A 258 -6.76 41.79 31.58
N GLU A 259 -5.63 41.36 32.22
CA GLU A 259 -4.67 42.25 32.91
C GLU A 259 -3.17 42.05 32.49
N VAL A 260 -2.95 41.56 31.26
CA VAL A 260 -1.60 41.40 30.70
C VAL A 260 -1.22 42.78 30.12
N PRO A 261 -0.10 43.36 30.54
CA PRO A 261 0.33 44.67 29.98
C PRO A 261 0.56 44.65 28.46
N ILE A 262 0.04 45.69 27.76
CA ILE A 262 0.18 45.83 26.30
C ILE A 262 0.86 47.16 25.91
N LEU A 263 2.01 47.05 25.22
CA LEU A 263 2.70 48.20 24.64
C LEU A 263 2.23 48.22 23.16
N THR A 264 1.56 49.30 22.72
CA THR A 264 1.09 49.44 21.32
C THR A 264 2.10 50.38 20.63
N LEU A 265 2.70 49.92 19.53
CA LEU A 265 3.69 50.69 18.78
C LEU A 265 3.13 50.96 17.39
N ASP A 266 3.24 52.23 16.90
CA ASP A 266 2.78 52.56 15.54
C ASP A 266 3.87 52.28 14.50
N VAL A 267 3.92 51.03 14.00
CA VAL A 267 4.87 50.60 12.99
C VAL A 267 4.49 51.05 11.56
N ASN A 268 3.62 52.09 11.40
CA ASN A 268 3.18 52.60 10.09
C ASN A 268 4.32 53.21 9.24
N GLU A 269 5.26 53.90 9.88
CA GLU A 269 6.42 54.48 9.20
C GLU A 269 7.51 53.42 9.13
N ASP A 270 8.33 53.40 8.05
CA ASP A 270 9.42 52.42 7.88
C ASP A 270 10.47 52.49 9.03
N PHE A 271 10.45 51.48 9.93
CA PHE A 271 11.31 51.34 11.13
C PHE A 271 12.59 50.52 10.91
N LYS A 272 12.73 49.88 9.73
CA LYS A 272 13.87 49.07 9.31
C LYS A 272 15.19 49.84 9.56
N ASP A 273 15.14 51.21 9.44
CA ASP A 273 16.29 52.13 9.56
C ASP A 273 16.19 53.14 10.74
N LYS A 274 15.00 53.38 11.25
CA LYS A 274 14.79 54.27 12.40
C LYS A 274 14.10 53.48 13.54
N TYR A 275 14.77 52.42 14.05
CA TYR A 275 14.20 51.58 15.09
C TYR A 275 14.55 51.99 16.53
N GLU A 276 15.40 53.00 16.70
CA GLU A 276 15.92 53.48 17.98
C GLU A 276 14.86 53.74 19.06
N SER A 277 13.91 54.65 18.78
CA SER A 277 12.81 55.02 19.68
C SER A 277 11.94 53.83 20.05
N LEU A 278 11.64 52.99 19.05
CA LEU A 278 10.80 51.81 19.13
C LEU A 278 11.36 50.82 20.14
N VAL A 279 12.69 50.66 20.17
CA VAL A 279 13.41 49.78 21.10
C VAL A 279 13.49 50.44 22.49
N GLU A 280 13.62 51.78 22.52
CA GLU A 280 13.67 52.54 23.78
C GLU A 280 12.37 52.46 24.56
N LYS A 281 11.23 52.34 23.85
CA LYS A 281 9.91 52.20 24.43
C LYS A 281 9.65 50.74 24.92
N VAL A 282 10.30 49.74 24.26
CA VAL A 282 10.28 48.31 24.63
C VAL A 282 11.08 48.18 25.93
N LYS A 283 12.37 48.65 25.93
CA LYS A 283 13.28 48.62 27.09
C LYS A 283 12.50 49.15 28.29
N GLU A 284 11.74 50.24 28.06
CA GLU A 284 10.91 50.96 29.04
C GLU A 284 9.84 50.03 29.59
N PHE A 285 9.06 49.45 28.69
CA PHE A 285 7.97 48.54 28.98
C PHE A 285 8.45 47.31 29.76
N LEU A 286 9.64 46.77 29.41
CA LEU A 286 10.21 45.58 30.03
C LEU A 286 10.49 45.79 31.53
N SER A 287 11.03 46.97 31.89
CA SER A 287 11.31 47.32 33.28
C SER A 287 10.00 47.37 34.10
N THR A 288 8.91 47.82 33.46
CA THR A 288 7.58 48.02 34.07
C THR A 288 6.75 46.75 34.19
N LEU A 289 7.43 45.59 34.31
CA LEU A 289 6.80 44.29 34.52
C LEU A 289 7.44 43.68 35.78
N ARG B 49 -0.14 3.25 43.39
CA ARG B 49 -0.96 3.61 42.24
C ARG B 49 -1.88 2.45 41.81
N ILE B 50 -2.87 2.78 40.98
CA ILE B 50 -3.91 1.91 40.46
C ILE B 50 -3.35 1.06 39.30
N LYS B 51 -3.76 -0.22 39.20
CA LYS B 51 -3.40 -1.08 38.07
C LYS B 51 -4.30 -0.65 36.89
N LYS B 52 -3.66 -0.27 35.80
CA LYS B 52 -4.37 0.18 34.61
C LYS B 52 -4.49 -1.01 33.63
N ILE B 53 -5.71 -1.52 33.44
CA ILE B 53 -6.01 -2.68 32.58
C ILE B 53 -6.81 -2.23 31.33
N SER B 54 -6.39 -2.66 30.14
CA SER B 54 -7.09 -2.25 28.94
C SER B 54 -7.88 -3.36 28.26
N ILE B 55 -9.18 -3.15 28.05
CA ILE B 55 -10.01 -4.11 27.35
C ILE B 55 -10.00 -3.70 25.91
N GLU B 56 -9.53 -4.62 25.09
CA GLU B 56 -9.35 -4.42 23.65
C GLU B 56 -10.24 -5.33 22.88
N GLY B 57 -10.55 -4.95 21.64
CA GLY B 57 -11.38 -5.79 20.79
C GLY B 57 -11.98 -5.04 19.63
N ASN B 58 -12.52 -5.78 18.65
CA ASN B 58 -13.17 -5.23 17.46
C ASN B 58 -14.49 -4.52 17.84
N ILE B 59 -15.14 -3.87 16.85
CA ILE B 59 -16.41 -3.16 17.01
C ILE B 59 -17.48 -4.21 17.34
N ALA B 60 -18.32 -3.92 18.32
CA ALA B 60 -19.42 -4.75 18.80
C ALA B 60 -18.99 -6.14 19.36
N ALA B 61 -17.66 -6.38 19.54
CA ALA B 61 -17.13 -7.63 20.12
C ALA B 61 -17.75 -8.02 21.50
N GLY B 62 -17.99 -7.02 22.35
CA GLY B 62 -18.62 -7.21 23.66
C GLY B 62 -17.86 -6.55 24.79
N LYS B 63 -17.14 -5.44 24.49
CA LYS B 63 -16.35 -4.70 25.46
C LYS B 63 -17.18 -4.17 26.61
N SER B 64 -18.07 -3.18 26.38
CA SER B 64 -18.93 -2.58 27.43
C SER B 64 -19.76 -3.60 28.23
N THR B 65 -20.26 -4.68 27.57
CA THR B 65 -21.07 -5.80 28.11
C THR B 65 -20.26 -6.55 29.16
N PHE B 66 -19.01 -6.90 28.80
CA PHE B 66 -18.09 -7.63 29.66
C PHE B 66 -17.50 -6.71 30.71
N VAL B 67 -17.08 -5.49 30.32
CA VAL B 67 -16.50 -4.55 31.26
C VAL B 67 -17.49 -4.17 32.37
N ASN B 68 -18.82 -4.20 32.08
CA ASN B 68 -19.87 -3.92 33.05
C ASN B 68 -19.96 -5.04 34.06
N ILE B 69 -19.74 -6.30 33.60
CA ILE B 69 -19.75 -7.49 34.46
C ILE B 69 -18.68 -7.33 35.54
N LEU B 70 -17.43 -7.10 35.09
CA LEU B 70 -16.29 -6.88 35.99
C LEU B 70 -16.50 -5.66 36.91
N LYS B 71 -16.95 -4.50 36.35
CA LYS B 71 -17.23 -3.23 37.07
C LYS B 71 -18.02 -3.46 38.35
N GLN B 72 -19.07 -4.30 38.24
CA GLN B 72 -20.02 -4.68 39.28
C GLN B 72 -19.43 -5.65 40.32
N LEU B 73 -18.42 -6.45 39.93
CA LEU B 73 -17.80 -7.47 40.79
C LEU B 73 -16.90 -6.96 41.92
N SER B 74 -16.66 -5.64 42.04
CA SER B 74 -15.84 -5.10 43.13
C SER B 74 -15.84 -3.58 43.27
N GLU B 75 -15.70 -3.12 44.54
CA GLU B 75 -15.45 -1.73 44.93
C GLU B 75 -13.94 -1.65 44.69
N ASP B 76 -13.39 -0.47 44.32
CA ASP B 76 -11.96 -0.32 43.97
C ASP B 76 -11.64 -0.91 42.54
N TRP B 77 -12.67 -1.46 41.84
CA TRP B 77 -12.63 -1.93 40.43
C TRP B 77 -13.53 -0.94 39.72
N GLU B 78 -12.93 -0.07 38.90
CA GLU B 78 -13.69 0.96 38.16
C GLU B 78 -13.37 0.91 36.67
N VAL B 79 -14.24 1.54 35.86
CA VAL B 79 -14.13 1.49 34.41
C VAL B 79 -14.07 2.91 33.76
N VAL B 80 -13.29 3.05 32.64
CA VAL B 80 -13.13 4.29 31.86
C VAL B 80 -13.68 4.05 30.43
N PRO B 81 -15.03 4.18 30.30
CA PRO B 81 -15.67 3.94 29.00
C PRO B 81 -15.21 4.91 27.93
N GLU B 82 -15.11 4.38 26.71
CA GLU B 82 -14.72 5.10 25.50
C GLU B 82 -15.78 6.16 25.29
N PRO B 83 -15.39 7.46 25.15
CA PRO B 83 -16.41 8.54 25.09
C PRO B 83 -17.24 8.66 23.80
N VAL B 84 -17.74 7.52 23.27
CA VAL B 84 -18.52 7.43 22.01
C VAL B 84 -19.64 8.48 21.97
N ALA B 85 -20.20 8.83 23.15
CA ALA B 85 -21.28 9.81 23.26
C ALA B 85 -20.81 11.20 22.89
N ARG B 86 -19.55 11.55 23.19
CA ARG B 86 -18.99 12.86 22.87
C ARG B 86 -18.80 13.04 21.35
N TRP B 87 -18.50 11.93 20.67
CA TRP B 87 -18.29 11.82 19.23
C TRP B 87 -19.66 11.83 18.55
N SER B 88 -20.71 11.29 19.24
CA SER B 88 -22.10 11.23 18.78
C SER B 88 -22.72 12.63 18.75
N ASN B 89 -22.47 13.45 19.76
CA ASN B 89 -22.99 14.80 19.83
C ASN B 89 -21.82 15.65 20.24
N VAL B 90 -21.18 16.28 19.25
CA VAL B 90 -20.02 17.11 19.49
C VAL B 90 -20.46 18.43 20.17
N GLN B 91 -20.46 18.40 21.51
CA GLN B 91 -20.74 19.53 22.38
C GLN B 91 -19.42 19.76 23.10
N SER B 92 -19.10 21.02 23.38
CA SER B 92 -17.86 21.45 24.03
C SER B 92 -17.81 21.13 25.55
N THR B 93 -16.59 20.75 26.06
CA THR B 93 -16.30 20.42 27.47
C THR B 93 -16.14 21.69 28.33
N ASN B 106 -27.42 18.89 20.73
CA ASN B 106 -27.45 19.93 19.70
C ASN B 106 -26.35 19.75 18.58
N GLY B 107 -25.07 19.74 18.97
CA GLY B 107 -23.90 19.62 18.09
C GLY B 107 -23.77 18.37 17.21
N GLY B 108 -23.06 18.53 16.08
CA GLY B 108 -22.86 17.52 15.03
C GLY B 108 -22.38 16.15 15.47
N ASN B 109 -22.55 15.11 14.62
CA ASN B 109 -22.08 13.76 14.95
C ASN B 109 -20.81 13.43 14.14
N VAL B 110 -19.63 13.52 14.78
CA VAL B 110 -18.39 13.29 14.05
C VAL B 110 -18.13 11.76 13.81
N LEU B 111 -18.93 10.87 14.45
CA LEU B 111 -18.84 9.44 14.19
C LEU B 111 -19.58 9.17 12.87
N GLN B 112 -20.72 9.87 12.65
CA GLN B 112 -21.49 9.80 11.42
C GLN B 112 -20.71 10.41 10.24
N MET B 113 -20.25 11.68 10.37
CA MET B 113 -19.43 12.40 9.35
C MET B 113 -18.28 11.52 8.87
N MET B 114 -17.63 10.80 9.78
CA MET B 114 -16.57 9.91 9.35
C MET B 114 -17.03 8.72 8.55
N TYR B 115 -18.10 8.06 8.97
CA TYR B 115 -18.57 6.89 8.23
C TYR B 115 -19.16 7.26 6.87
N GLU B 116 -19.77 8.47 6.76
CA GLU B 116 -20.38 8.97 5.52
C GLU B 116 -19.35 9.37 4.43
N LYS B 117 -18.30 10.15 4.80
CA LYS B 117 -17.20 10.54 3.89
C LYS B 117 -15.86 10.36 4.64
N PRO B 118 -15.42 9.09 4.82
CA PRO B 118 -14.17 8.81 5.56
C PRO B 118 -12.94 9.55 5.09
N GLU B 119 -12.84 9.76 3.78
CA GLU B 119 -11.75 10.49 3.12
C GLU B 119 -11.75 11.97 3.59
N ARG B 120 -12.92 12.49 4.01
CA ARG B 120 -13.02 13.86 4.44
C ARG B 120 -12.78 14.05 5.93
N TRP B 121 -13.35 13.17 6.74
CA TRP B 121 -13.34 13.36 8.18
C TRP B 121 -12.51 12.39 9.02
N SER B 122 -11.84 11.38 8.44
CA SER B 122 -11.06 10.46 9.27
C SER B 122 -10.07 11.15 10.22
N PHE B 123 -9.23 12.10 9.72
CA PHE B 123 -8.25 12.81 10.57
C PHE B 123 -8.87 13.60 11.73
N THR B 124 -9.91 14.39 11.45
CA THR B 124 -10.63 15.18 12.45
C THR B 124 -11.22 14.26 13.53
N PHE B 125 -11.90 13.15 13.14
CA PHE B 125 -12.45 12.17 14.08
C PHE B 125 -11.31 11.56 14.91
N GLN B 126 -10.39 10.83 14.24
CA GLN B 126 -9.24 10.18 14.87
C GLN B 126 -8.51 11.04 15.91
N THR B 127 -8.50 12.38 15.71
CA THR B 127 -7.87 13.36 16.60
C THR B 127 -8.73 13.61 17.81
N TYR B 128 -10.05 13.93 17.65
CA TYR B 128 -10.99 14.17 18.74
C TYR B 128 -11.15 12.89 19.59
N ALA B 129 -11.14 11.73 18.93
CA ALA B 129 -11.34 10.44 19.58
C ALA B 129 -10.27 10.20 20.60
N CYS B 130 -9.01 10.29 20.18
CA CYS B 130 -7.84 10.09 21.00
C CYS B 130 -7.77 11.08 22.15
N LEU B 131 -7.85 12.38 21.83
CA LEU B 131 -7.87 13.46 22.81
C LEU B 131 -8.98 13.24 23.86
N SER B 132 -10.23 12.89 23.41
CA SER B 132 -11.34 12.64 24.35
C SER B 132 -11.03 11.47 25.29
N ARG B 133 -10.38 10.40 24.77
CA ARG B 133 -9.95 9.27 25.56
C ARG B 133 -8.89 9.68 26.61
N ILE B 134 -7.80 10.37 26.15
CA ILE B 134 -6.68 10.84 27.00
C ILE B 134 -7.25 11.56 28.20
N ARG B 135 -8.07 12.59 27.94
CA ARG B 135 -8.77 13.42 28.91
C ARG B 135 -9.45 12.54 29.96
N ALA B 136 -10.40 11.69 29.50
CA ALA B 136 -11.24 10.82 30.32
C ALA B 136 -10.40 9.91 31.17
N GLN B 137 -9.40 9.22 30.55
CA GLN B 137 -8.52 8.27 31.22
C GLN B 137 -7.74 8.91 32.39
N LEU B 138 -7.27 10.16 32.19
CA LEU B 138 -6.52 10.90 33.22
C LEU B 138 -7.45 11.27 34.35
N ALA B 139 -8.64 11.78 33.99
CA ALA B 139 -9.71 12.26 34.86
C ALA B 139 -10.16 11.21 35.89
N SER B 140 -10.07 9.95 35.48
CA SER B 140 -10.43 8.79 36.28
C SER B 140 -9.36 8.44 37.26
N LEU B 141 -8.06 8.58 36.88
CA LEU B 141 -6.92 8.32 37.78
C LEU B 141 -7.07 9.13 39.07
N ASN B 142 -7.63 10.35 38.97
CA ASN B 142 -7.87 11.26 40.11
C ASN B 142 -9.10 10.89 40.92
N GLY B 143 -10.02 10.11 40.32
CA GLY B 143 -11.26 9.64 40.94
C GLY B 143 -11.07 8.92 42.26
N LYS B 144 -12.17 8.80 43.05
CA LYS B 144 -12.29 8.19 44.39
C LYS B 144 -11.40 6.94 44.63
N LEU B 145 -11.10 6.17 43.55
CA LEU B 145 -10.23 4.98 43.54
C LEU B 145 -8.82 5.28 44.08
N LYS B 146 -8.38 6.57 44.01
CA LYS B 146 -7.09 7.08 44.51
C LYS B 146 -6.98 6.79 46.02
N ASP B 147 -8.07 7.07 46.77
CA ASP B 147 -8.17 6.81 48.20
C ASP B 147 -9.07 5.55 48.35
N ALA B 148 -8.50 4.37 48.00
CA ALA B 148 -9.13 3.04 48.03
C ALA B 148 -8.06 1.95 47.92
N GLU B 149 -7.89 1.11 48.98
CA GLU B 149 -6.89 0.02 49.06
C GLU B 149 -7.00 -1.01 47.93
N LYS B 150 -5.85 -1.33 47.28
CA LYS B 150 -5.69 -2.28 46.15
C LYS B 150 -6.65 -1.96 44.94
N PRO B 151 -6.51 -0.78 44.25
CA PRO B 151 -7.44 -0.45 43.16
C PRO B 151 -7.06 -0.95 41.76
N VAL B 152 -8.07 -1.08 40.88
CA VAL B 152 -7.95 -1.53 39.48
C VAL B 152 -8.87 -0.68 38.54
N LEU B 153 -8.25 0.03 37.58
CA LEU B 153 -8.93 0.87 36.60
C LEU B 153 -8.95 0.11 35.26
N PHE B 154 -10.15 -0.28 34.80
CA PHE B 154 -10.41 -1.00 33.56
C PHE B 154 -10.77 0.00 32.44
N PHE B 155 -9.83 0.25 31.48
CA PHE B 155 -10.01 1.15 30.33
C PHE B 155 -10.67 0.44 29.17
N GLU B 156 -11.76 1.05 28.63
CA GLU B 156 -12.42 0.56 27.42
C GLU B 156 -11.60 1.18 26.27
N ARG B 157 -10.76 0.35 25.62
CA ARG B 157 -9.77 0.72 24.58
C ARG B 157 -8.63 1.61 25.09
N SER B 158 -7.60 1.79 24.27
CA SER B 158 -6.40 2.54 24.65
C SER B 158 -5.86 3.43 23.54
N VAL B 159 -5.04 4.42 23.94
CA VAL B 159 -4.35 5.32 23.03
C VAL B 159 -3.55 4.51 21.96
N TYR B 160 -3.14 3.26 22.31
CA TYR B 160 -2.39 2.34 21.43
C TYR B 160 -3.26 1.73 20.33
N SER B 161 -4.51 1.40 20.64
CA SER B 161 -5.38 0.85 19.61
C SER B 161 -6.03 1.95 18.72
N ASP B 162 -6.01 3.25 19.15
CA ASP B 162 -6.57 4.34 18.34
C ASP B 162 -5.68 4.53 17.13
N ARG B 163 -4.35 4.56 17.36
CA ARG B 163 -3.34 4.75 16.33
C ARG B 163 -2.99 3.45 15.56
N TYR B 164 -2.36 2.48 16.23
CA TYR B 164 -1.86 1.24 15.64
C TYR B 164 -2.94 0.29 15.03
N ILE B 165 -4.27 0.51 15.29
CA ILE B 165 -5.37 -0.32 14.78
C ILE B 165 -6.38 0.47 13.92
N PHE B 166 -7.04 1.48 14.46
CA PHE B 166 -8.06 2.24 13.72
C PHE B 166 -7.50 3.27 12.76
N ALA B 167 -6.67 4.24 13.28
CA ALA B 167 -6.09 5.33 12.49
C ALA B 167 -5.15 4.79 11.44
N SER B 168 -4.37 3.76 11.82
CA SER B 168 -3.41 3.07 10.97
C SER B 168 -4.16 2.48 9.81
N ASN B 169 -5.25 1.73 10.10
CA ASN B 169 -6.11 1.10 9.10
C ASN B 169 -6.74 2.11 8.09
N LEU B 170 -7.06 3.35 8.54
CA LEU B 170 -7.67 4.37 7.69
C LEU B 170 -6.68 5.00 6.75
N TYR B 171 -5.40 5.11 7.18
CA TYR B 171 -4.34 5.65 6.35
C TYR B 171 -4.08 4.68 5.25
N GLU B 172 -3.99 3.38 5.61
CA GLU B 172 -3.80 2.23 4.74
C GLU B 172 -4.95 2.18 3.75
N SER B 173 -6.22 2.38 4.23
CA SER B 173 -7.46 2.44 3.42
C SER B 173 -7.55 3.66 2.48
N GLU B 174 -6.51 4.52 2.45
CA GLU B 174 -6.43 5.76 1.66
C GLU B 174 -7.44 6.84 2.11
N CYS B 175 -7.84 6.89 3.41
CA CYS B 175 -8.77 7.91 3.96
C CYS B 175 -8.06 9.08 4.69
N MET B 176 -6.74 8.97 4.76
CA MET B 176 -5.82 9.94 5.34
C MET B 176 -4.66 9.96 4.42
N ASN B 177 -4.27 11.13 3.97
CA ASN B 177 -3.09 11.21 3.12
C ASN B 177 -1.81 11.13 3.97
N GLU B 178 -0.62 11.08 3.33
CA GLU B 178 0.66 10.98 4.05
C GLU B 178 0.75 12.10 5.10
N THR B 179 0.43 13.36 4.71
CA THR B 179 0.46 14.56 5.55
C THR B 179 -0.51 14.44 6.71
N GLU B 180 -1.80 14.08 6.46
CA GLU B 180 -2.82 13.93 7.52
C GLU B 180 -2.20 12.94 8.58
N TRP B 181 -1.77 11.77 8.10
CA TRP B 181 -1.22 10.68 8.88
C TRP B 181 0.10 11.00 9.60
N THR B 182 0.95 11.84 9.01
CA THR B 182 2.21 12.21 9.65
C THR B 182 1.94 13.15 10.81
N ILE B 183 1.09 14.18 10.57
CA ILE B 183 0.64 15.13 11.57
C ILE B 183 0.09 14.34 12.77
N TYR B 184 -0.85 13.37 12.52
CA TYR B 184 -1.43 12.51 13.56
C TYR B 184 -0.39 11.70 14.28
N GLN B 185 0.63 11.23 13.57
CA GLN B 185 1.62 10.44 14.27
C GLN B 185 2.47 11.31 15.17
N ASP B 186 2.93 12.48 14.68
CA ASP B 186 3.73 13.43 15.47
C ASP B 186 2.93 13.94 16.66
N TRP B 187 1.65 14.25 16.46
CA TRP B 187 0.76 14.71 17.53
C TRP B 187 0.64 13.65 18.61
N HIS B 188 0.23 12.40 18.26
CA HIS B 188 0.13 11.22 19.16
C HIS B 188 1.43 10.95 19.93
N ASP B 189 2.60 10.90 19.21
CA ASP B 189 3.95 10.68 19.77
C ASP B 189 4.22 11.70 20.85
N TRP B 190 4.28 13.01 20.46
CA TRP B 190 4.55 14.16 21.32
C TRP B 190 3.60 14.21 22.51
N MET B 191 2.30 14.11 22.22
CA MET B 191 1.25 14.15 23.22
C MET B 191 1.35 13.04 24.26
N ASN B 192 1.57 11.81 23.84
CA ASN B 192 1.68 10.69 24.75
C ASN B 192 2.87 10.71 25.71
N ASN B 193 4.06 11.14 25.25
CA ASN B 193 5.20 11.18 26.14
C ASN B 193 5.20 12.41 27.07
N GLN B 194 4.03 13.04 27.27
CA GLN B 194 3.86 14.20 28.15
C GLN B 194 3.26 13.83 29.52
N PHE B 195 2.97 12.52 29.69
CA PHE B 195 2.40 11.94 30.90
C PHE B 195 3.44 11.09 31.59
N GLY B 196 4.31 10.48 30.79
CA GLY B 196 5.32 9.56 31.27
C GLY B 196 4.61 8.30 31.71
N GLN B 197 5.05 7.74 32.85
CA GLN B 197 4.51 6.52 33.45
C GLN B 197 3.03 6.64 33.95
N SER B 198 2.32 7.74 33.57
CA SER B 198 0.95 7.99 33.97
C SER B 198 -0.05 7.10 33.28
N LEU B 199 -0.18 7.23 31.96
CA LEU B 199 -1.19 6.41 31.31
C LEU B 199 -0.67 5.05 30.86
N GLU B 200 0.50 4.60 31.38
CA GLU B 200 1.08 3.30 31.02
C GLU B 200 0.22 2.18 31.58
N LEU B 201 -0.12 1.20 30.72
CA LEU B 201 -0.98 0.06 31.05
C LEU B 201 -0.20 -1.02 31.77
N ASP B 202 -0.83 -1.63 32.77
CA ASP B 202 -0.29 -2.72 33.56
C ASP B 202 -0.62 -4.10 32.94
N GLY B 203 -1.66 -4.17 32.10
CA GLY B 203 -2.06 -5.39 31.41
C GLY B 203 -3.11 -5.17 30.36
N ILE B 204 -3.30 -6.16 29.46
CA ILE B 204 -4.29 -6.06 28.37
C ILE B 204 -5.20 -7.29 28.30
N ILE B 205 -6.53 -7.06 28.28
CA ILE B 205 -7.55 -8.11 28.12
C ILE B 205 -8.13 -8.02 26.70
N TYR B 206 -7.67 -8.92 25.82
CA TYR B 206 -8.07 -9.00 24.42
C TYR B 206 -9.34 -9.84 24.32
N LEU B 207 -10.46 -9.21 23.92
CA LEU B 207 -11.72 -9.92 23.72
C LEU B 207 -11.76 -10.27 22.25
N GLN B 208 -11.47 -11.57 21.96
CA GLN B 208 -11.38 -12.21 20.65
C GLN B 208 -12.74 -12.66 20.13
N ALA B 209 -13.08 -12.26 18.89
CA ALA B 209 -14.34 -12.65 18.21
C ALA B 209 -14.13 -12.62 16.70
N THR B 210 -14.88 -13.44 15.96
CA THR B 210 -14.79 -13.46 14.49
C THR B 210 -15.26 -12.08 13.97
N PRO B 211 -14.80 -11.57 12.79
CA PRO B 211 -15.38 -10.31 12.31
C PRO B 211 -16.87 -10.53 11.93
N GLU B 212 -17.27 -11.83 11.82
CA GLU B 212 -18.61 -12.31 11.55
C GLU B 212 -19.51 -12.04 12.76
N THR B 213 -19.05 -12.41 13.96
CA THR B 213 -19.79 -12.20 15.19
C THR B 213 -19.99 -10.72 15.37
N CYS B 214 -18.93 -9.92 15.15
CA CYS B 214 -18.98 -8.45 15.23
C CYS B 214 -20.04 -7.85 14.34
N LEU B 215 -20.04 -8.25 13.05
CA LEU B 215 -21.02 -7.78 12.09
C LEU B 215 -22.45 -8.02 12.63
N HIS B 216 -22.68 -9.20 13.27
CA HIS B 216 -23.98 -9.57 13.86
C HIS B 216 -24.32 -8.76 15.13
N ARG B 217 -23.33 -8.53 15.99
CA ARG B 217 -23.49 -7.76 17.21
C ARG B 217 -23.67 -6.26 16.92
N ILE B 218 -23.14 -5.80 15.75
CA ILE B 218 -23.30 -4.42 15.24
C ILE B 218 -24.78 -4.26 14.89
N TYR B 219 -25.35 -5.35 14.29
N TYR B 219 -25.38 -5.32 14.27
CA TYR B 219 -26.73 -5.49 13.81
CA TYR B 219 -26.80 -5.35 13.89
C TYR B 219 -27.75 -5.80 14.94
C TYR B 219 -27.69 -5.33 15.13
N LEU B 220 -27.27 -6.05 16.19
CA LEU B 220 -28.06 -6.22 17.43
C LEU B 220 -28.09 -4.93 18.18
N ARG B 221 -26.92 -4.27 18.26
CA ARG B 221 -26.77 -2.97 18.91
C ARG B 221 -27.65 -1.98 18.15
N GLY B 222 -27.52 -1.96 16.84
CA GLY B 222 -28.32 -1.13 15.94
C GLY B 222 -28.07 0.35 16.02
N ARG B 223 -26.77 0.78 16.07
CA ARG B 223 -26.30 2.17 16.06
C ARG B 223 -26.32 2.53 14.59
N ASN B 224 -27.08 3.59 14.19
CA ASN B 224 -27.29 3.93 12.77
C ASN B 224 -26.03 4.10 11.94
N GLU B 225 -25.07 4.94 12.43
CA GLU B 225 -23.78 5.27 11.79
C GLU B 225 -23.06 4.07 11.24
N GLU B 226 -23.11 2.94 11.96
CA GLU B 226 -22.37 1.73 11.62
C GLU B 226 -23.19 0.59 11.01
N GLN B 227 -24.41 0.87 10.57
CA GLN B 227 -25.21 -0.19 9.96
C GLN B 227 -24.74 -0.49 8.53
N GLY B 228 -23.95 0.43 7.97
CA GLY B 228 -23.39 0.31 6.63
C GLY B 228 -22.12 -0.50 6.49
N ILE B 229 -21.40 -0.73 7.63
CA ILE B 229 -20.12 -1.45 7.75
C ILE B 229 -20.11 -2.82 7.04
N PRO B 230 -19.12 -3.05 6.15
CA PRO B 230 -19.01 -4.37 5.50
C PRO B 230 -18.13 -5.32 6.31
N LEU B 231 -18.26 -6.66 6.08
CA LEU B 231 -17.46 -7.66 6.79
C LEU B 231 -15.98 -7.37 6.60
N GLU B 232 -15.60 -6.95 5.37
CA GLU B 232 -14.24 -6.60 4.94
C GLU B 232 -13.54 -5.59 5.85
N TYR B 233 -14.25 -4.54 6.29
CA TYR B 233 -13.72 -3.51 7.19
C TYR B 233 -13.40 -4.14 8.52
N LEU B 234 -14.38 -4.87 9.12
CA LEU B 234 -14.18 -5.58 10.41
C LEU B 234 -13.03 -6.61 10.28
N GLU B 235 -12.97 -7.29 9.13
CA GLU B 235 -11.96 -8.26 8.72
C GLU B 235 -10.58 -7.61 8.74
N LYS B 236 -10.46 -6.35 8.22
CA LYS B 236 -9.20 -5.60 8.22
C LYS B 236 -8.74 -5.31 9.66
N LEU B 237 -9.65 -4.74 10.52
CA LEU B 237 -9.34 -4.40 11.94
C LEU B 237 -9.05 -5.66 12.76
N HIS B 238 -9.71 -6.80 12.41
CA HIS B 238 -9.53 -8.09 13.07
C HIS B 238 -8.13 -8.48 12.89
N TYR B 239 -7.66 -8.57 11.65
CA TYR B 239 -6.28 -8.88 11.35
C TYR B 239 -5.32 -7.99 12.17
N LYS B 240 -5.57 -6.69 12.22
CA LYS B 240 -4.76 -5.74 12.97
C LYS B 240 -4.73 -6.05 14.43
N HIS B 241 -5.85 -6.53 14.96
CA HIS B 241 -5.97 -6.90 16.38
C HIS B 241 -5.08 -8.12 16.70
N GLU B 242 -5.18 -9.17 15.84
CA GLU B 242 -4.45 -10.43 15.91
C GLU B 242 -2.92 -10.19 15.84
N SER B 243 -2.49 -9.32 14.93
CA SER B 243 -1.11 -8.96 14.74
C SER B 243 -0.57 -8.18 15.94
N TRP B 244 -1.40 -7.31 16.56
CA TRP B 244 -0.97 -6.54 17.73
C TRP B 244 -0.91 -7.38 19.03
N LEU B 245 -2.04 -8.07 19.39
CA LEU B 245 -2.24 -8.82 20.65
C LEU B 245 -2.14 -10.36 20.61
N LEU B 246 -2.43 -11.03 19.50
CA LEU B 246 -2.32 -12.50 19.50
C LEU B 246 -0.94 -12.97 19.07
N HIS B 247 -0.56 -12.69 17.81
CA HIS B 247 0.74 -13.08 17.26
C HIS B 247 1.84 -12.12 17.75
N ARG B 248 1.46 -10.90 18.21
CA ARG B 248 2.32 -9.83 18.74
C ARG B 248 3.47 -9.48 17.81
N THR B 249 3.16 -9.25 16.53
CA THR B 249 4.13 -8.87 15.49
C THR B 249 3.94 -7.41 15.02
N LEU B 250 3.01 -6.65 15.67
CA LEU B 250 2.75 -5.24 15.33
C LEU B 250 3.59 -4.37 16.23
N LYS B 251 4.77 -3.94 15.74
CA LYS B 251 5.66 -3.08 16.52
C LYS B 251 5.05 -1.64 16.74
N THR B 252 5.25 -1.06 17.94
CA THR B 252 4.74 0.27 18.28
C THR B 252 5.87 1.10 18.88
N ASN B 253 5.77 2.46 18.83
CA ASN B 253 6.70 3.45 19.42
C ASN B 253 6.70 3.42 20.96
N PHE B 254 5.90 2.52 21.57
CA PHE B 254 5.75 2.37 23.01
C PHE B 254 6.42 1.06 23.47
N ASP B 255 7.76 1.14 23.59
CA ASP B 255 8.68 0.05 23.91
C ASP B 255 8.30 -0.76 25.16
N TYR B 256 7.60 -0.15 26.13
CA TYR B 256 7.15 -0.85 27.34
C TYR B 256 6.11 -1.96 27.04
N LEU B 257 5.22 -1.71 26.03
CA LEU B 257 4.16 -2.61 25.58
C LEU B 257 4.65 -4.03 25.32
N GLN B 258 5.94 -4.14 24.93
CA GLN B 258 6.66 -5.38 24.62
C GLN B 258 6.66 -6.34 25.78
N GLU B 259 6.61 -5.85 27.01
CA GLU B 259 6.65 -6.73 28.17
C GLU B 259 5.35 -6.63 28.99
N VAL B 260 4.28 -6.17 28.36
CA VAL B 260 2.96 -6.06 29.01
C VAL B 260 2.16 -7.37 28.83
N PRO B 261 1.63 -7.95 29.92
CA PRO B 261 0.86 -9.19 29.75
C PRO B 261 -0.54 -9.02 29.11
N ILE B 262 -0.92 -10.02 28.31
CA ILE B 262 -2.17 -10.07 27.58
C ILE B 262 -2.95 -11.35 27.93
N LEU B 263 -4.21 -11.20 28.32
CA LEU B 263 -5.16 -12.28 28.59
C LEU B 263 -6.06 -12.23 27.37
N THR B 264 -6.17 -13.33 26.62
CA THR B 264 -6.99 -13.37 25.40
C THR B 264 -8.19 -14.27 25.69
N LEU B 265 -9.41 -13.74 25.56
CA LEU B 265 -10.66 -14.46 25.83
C LEU B 265 -11.51 -14.57 24.55
N ASP B 266 -11.97 -15.79 24.17
CA ASP B 266 -12.81 -16.01 22.97
C ASP B 266 -14.27 -15.72 23.30
N VAL B 267 -14.66 -14.45 23.20
CA VAL B 267 -15.99 -13.95 23.51
C VAL B 267 -16.98 -14.15 22.34
N ASN B 268 -16.80 -15.25 21.57
CA ASN B 268 -17.68 -15.55 20.45
C ASN B 268 -19.02 -16.04 20.92
N GLU B 269 -19.05 -16.89 21.95
CA GLU B 269 -20.31 -17.36 22.49
C GLU B 269 -20.93 -16.24 23.34
N ASP B 270 -22.28 -16.11 23.35
CA ASP B 270 -23.01 -15.09 24.10
C ASP B 270 -22.81 -15.27 25.60
N PHE B 271 -21.76 -14.66 26.11
CA PHE B 271 -21.36 -14.71 27.50
C PHE B 271 -22.28 -13.92 28.48
N LYS B 272 -23.29 -13.14 27.98
CA LYS B 272 -24.17 -12.31 28.79
C LYS B 272 -24.64 -13.01 30.05
N ASP B 273 -24.93 -14.33 29.94
CA ASP B 273 -25.33 -15.14 31.10
C ASP B 273 -24.33 -16.24 31.41
N LYS B 274 -23.68 -16.80 30.39
CA LYS B 274 -22.64 -17.82 30.58
C LYS B 274 -21.25 -17.13 30.62
N TYR B 275 -20.97 -16.31 31.68
CA TYR B 275 -19.71 -15.58 31.83
C TYR B 275 -18.81 -15.99 33.02
N GLU B 276 -19.25 -16.94 33.90
CA GLU B 276 -18.47 -17.37 35.08
C GLU B 276 -17.00 -17.73 34.73
N SER B 277 -16.81 -18.55 33.68
CA SER B 277 -15.50 -18.97 33.21
C SER B 277 -14.61 -17.77 32.83
N LEU B 278 -15.17 -16.80 32.11
CA LEU B 278 -14.47 -15.59 31.67
C LEU B 278 -13.99 -14.77 32.85
N VAL B 279 -14.83 -14.69 33.90
CA VAL B 279 -14.51 -13.92 35.10
C VAL B 279 -13.47 -14.64 35.97
N GLU B 280 -13.50 -16.01 35.99
CA GLU B 280 -12.48 -16.78 36.73
C GLU B 280 -11.11 -16.41 36.14
N LYS B 281 -11.03 -16.37 34.79
CA LYS B 281 -9.85 -16.04 34.00
C LYS B 281 -9.27 -14.65 34.29
N VAL B 282 -10.13 -13.61 34.41
CA VAL B 282 -9.70 -12.24 34.72
C VAL B 282 -9.08 -12.20 36.11
N LYS B 283 -9.78 -12.80 37.10
CA LYS B 283 -9.32 -12.84 38.49
C LYS B 283 -7.96 -13.52 38.64
N GLU B 284 -7.65 -14.53 37.79
CA GLU B 284 -6.35 -15.18 37.85
C GLU B 284 -5.26 -14.29 37.24
N PHE B 285 -5.50 -13.77 36.02
CA PHE B 285 -4.62 -12.83 35.31
C PHE B 285 -4.21 -11.65 36.21
N LEU B 286 -5.18 -11.07 36.94
CA LEU B 286 -4.94 -9.94 37.81
C LEU B 286 -4.10 -10.26 39.02
N SER B 287 -4.16 -11.50 39.54
CA SER B 287 -3.34 -11.88 40.69
C SER B 287 -1.86 -11.81 40.31
N THR B 288 -1.54 -12.47 39.16
CA THR B 288 -0.24 -12.58 38.50
C THR B 288 0.35 -11.22 38.08
N LEU B 289 -0.50 -10.17 38.07
CA LEU B 289 -0.10 -8.81 37.75
C LEU B 289 0.56 -8.09 38.96
N THR C 48 -4.29 -22.51 -40.46
CA THR C 48 -4.93 -23.83 -40.47
C THR C 48 -5.44 -24.24 -41.89
N ARG C 49 -5.73 -23.22 -42.75
CA ARG C 49 -6.19 -23.27 -44.16
C ARG C 49 -5.53 -22.06 -44.84
N ILE C 50 -4.97 -21.19 -44.00
CA ILE C 50 -4.31 -19.92 -44.27
C ILE C 50 -2.81 -20.20 -44.45
N LYS C 51 -2.19 -19.71 -45.55
CA LYS C 51 -0.74 -19.87 -45.76
C LYS C 51 -0.02 -18.92 -44.76
N LYS C 52 0.85 -19.47 -43.90
CA LYS C 52 1.54 -18.67 -42.87
C LYS C 52 2.95 -18.37 -43.32
N ILE C 53 3.26 -17.10 -43.54
CA ILE C 53 4.58 -16.68 -43.98
C ILE C 53 5.21 -15.78 -42.93
N SER C 54 6.50 -15.99 -42.63
CA SER C 54 7.25 -15.21 -41.65
C SER C 54 8.15 -14.21 -42.35
N ILE C 55 8.23 -12.96 -41.83
CA ILE C 55 9.10 -11.92 -42.38
C ILE C 55 10.27 -11.69 -41.43
N GLU C 56 11.39 -12.34 -41.74
CA GLU C 56 12.59 -12.27 -40.91
C GLU C 56 13.56 -11.27 -41.43
N GLY C 57 14.29 -10.66 -40.52
CA GLY C 57 15.33 -9.67 -40.86
C GLY C 57 15.90 -9.05 -39.60
N ASN C 58 16.98 -8.27 -39.75
CA ASN C 58 17.63 -7.59 -38.61
C ASN C 58 16.76 -6.40 -38.14
N ILE C 59 17.24 -5.66 -37.13
CA ILE C 59 16.58 -4.44 -36.64
C ILE C 59 16.71 -3.37 -37.75
N ALA C 60 15.59 -2.70 -38.13
CA ALA C 60 15.49 -1.62 -39.13
C ALA C 60 15.81 -2.06 -40.59
N ALA C 61 15.83 -3.40 -40.83
CA ALA C 61 16.05 -3.99 -42.17
C ALA C 61 14.98 -3.55 -43.18
N GLY C 62 13.73 -3.43 -42.73
CA GLY C 62 12.63 -2.97 -43.56
C GLY C 62 11.40 -3.86 -43.49
N LYS C 63 11.30 -4.70 -42.46
CA LYS C 63 10.20 -5.64 -42.25
C LYS C 63 8.83 -4.99 -42.17
N SER C 64 8.69 -3.95 -41.35
CA SER C 64 7.42 -3.25 -41.20
C SER C 64 6.94 -2.55 -42.45
N THR C 65 7.85 -1.85 -43.10
CA THR C 65 7.64 -1.11 -44.34
C THR C 65 7.17 -2.01 -45.47
N PHE C 66 7.84 -3.15 -45.62
CA PHE C 66 7.58 -4.15 -46.66
C PHE C 66 6.27 -4.90 -46.46
N VAL C 67 5.93 -5.20 -45.20
CA VAL C 67 4.71 -5.93 -44.92
C VAL C 67 3.48 -5.05 -45.09
N ASN C 68 3.62 -3.73 -44.83
CA ASN C 68 2.52 -2.80 -45.03
C ASN C 68 2.23 -2.64 -46.49
N ILE C 69 3.24 -2.76 -47.33
CA ILE C 69 3.06 -2.77 -48.77
C ILE C 69 2.31 -4.03 -49.20
N LEU C 70 2.73 -5.17 -48.65
CA LEU C 70 2.12 -6.47 -48.86
C LEU C 70 0.65 -6.52 -48.48
N LYS C 71 0.29 -6.05 -47.24
CA LYS C 71 -1.05 -5.97 -46.62
C LYS C 71 -2.10 -5.39 -47.60
N GLN C 72 -1.69 -4.29 -48.28
CA GLN C 72 -2.46 -3.50 -49.23
C GLN C 72 -2.39 -4.08 -50.62
N LEU C 73 -2.63 -5.41 -50.76
CA LEU C 73 -2.59 -6.11 -52.05
C LEU C 73 -3.68 -7.17 -52.16
N SER C 74 -4.34 -7.48 -51.02
CA SER C 74 -5.43 -8.44 -50.95
C SER C 74 -6.19 -8.36 -49.63
N GLU C 75 -7.51 -8.56 -49.73
CA GLU C 75 -8.45 -8.62 -48.62
C GLU C 75 -8.20 -9.95 -47.89
N ASP C 76 -7.61 -10.91 -48.63
CA ASP C 76 -7.17 -12.26 -48.22
C ASP C 76 -5.72 -12.25 -47.65
N TRP C 77 -4.96 -11.14 -47.83
CA TRP C 77 -3.61 -10.96 -47.28
C TRP C 77 -3.67 -10.05 -46.05
N GLU C 78 -3.24 -10.61 -44.90
CA GLU C 78 -3.21 -9.91 -43.61
C GLU C 78 -1.84 -10.03 -42.95
N VAL C 79 -1.57 -9.12 -41.99
CA VAL C 79 -0.28 -9.08 -41.29
C VAL C 79 -0.41 -9.06 -39.77
N VAL C 80 0.40 -9.90 -39.06
CA VAL C 80 0.50 -9.96 -37.60
C VAL C 80 1.80 -9.26 -37.19
N PRO C 81 1.69 -7.96 -36.83
CA PRO C 81 2.88 -7.17 -36.49
C PRO C 81 3.42 -7.56 -35.16
N GLU C 82 4.74 -7.54 -35.05
CA GLU C 82 5.49 -7.90 -33.87
C GLU C 82 5.08 -7.00 -32.70
N PRO C 83 4.76 -7.60 -31.53
CA PRO C 83 4.36 -6.79 -30.37
C PRO C 83 5.40 -5.76 -29.93
N VAL C 84 6.71 -6.11 -30.04
CA VAL C 84 7.91 -5.30 -29.71
C VAL C 84 7.97 -4.01 -30.59
N ALA C 85 7.73 -4.18 -31.91
CA ALA C 85 7.67 -3.13 -32.92
C ALA C 85 6.43 -2.29 -32.60
N ARG C 86 5.37 -2.96 -32.07
CA ARG C 86 4.13 -2.32 -31.63
C ARG C 86 4.30 -1.63 -30.24
N TRP C 87 5.39 -1.93 -29.46
CA TRP C 87 5.62 -1.26 -28.18
C TRP C 87 6.39 0.06 -28.35
N SER C 88 6.87 0.35 -29.58
CA SER C 88 7.57 1.59 -29.91
C SER C 88 7.37 1.98 -31.37
N THR C 101 -4.31 -2.09 -23.84
CA THR C 101 -3.71 -0.94 -23.16
C THR C 101 -2.80 -1.34 -21.99
N MET C 102 -3.17 -2.41 -21.23
CA MET C 102 -2.33 -2.92 -20.14
C MET C 102 -1.25 -3.77 -20.78
N SER C 103 -1.59 -4.53 -21.87
CA SER C 103 -0.67 -5.32 -22.69
C SER C 103 0.28 -4.40 -23.50
N GLN C 104 -0.06 -3.09 -23.52
CA GLN C 104 0.69 -1.99 -24.14
C GLN C 104 1.49 -1.28 -23.04
N LYS C 105 0.88 -1.14 -21.84
CA LYS C 105 1.46 -0.51 -20.65
C LYS C 105 2.66 -1.34 -20.20
N ASN C 106 2.43 -2.63 -19.90
CA ASN C 106 3.48 -3.57 -19.51
C ASN C 106 4.48 -3.64 -20.63
N GLY C 107 3.98 -3.54 -21.87
CA GLY C 107 4.75 -3.60 -23.10
C GLY C 107 5.81 -2.53 -23.33
N GLY C 108 5.40 -1.27 -23.11
CA GLY C 108 6.25 -0.09 -23.23
C GLY C 108 7.25 0.05 -22.09
N ASN C 109 6.78 -0.25 -20.84
CA ASN C 109 7.60 -0.22 -19.62
C ASN C 109 8.78 -1.21 -19.75
N VAL C 110 8.48 -2.54 -19.91
CA VAL C 110 9.46 -3.61 -20.02
C VAL C 110 10.48 -3.37 -21.12
N LEU C 111 10.16 -2.55 -22.14
CA LEU C 111 11.12 -2.23 -23.20
C LEU C 111 12.16 -1.17 -22.70
N GLN C 112 11.69 -0.10 -22.01
CA GLN C 112 12.59 0.91 -21.41
C GLN C 112 13.37 0.31 -20.19
N MET C 113 12.82 -0.78 -19.57
CA MET C 113 13.44 -1.53 -18.45
C MET C 113 14.59 -2.34 -19.01
N MET C 114 14.36 -2.88 -20.22
CA MET C 114 15.30 -3.69 -20.96
C MET C 114 16.41 -2.84 -21.49
N TYR C 115 16.10 -1.58 -21.82
CA TYR C 115 17.08 -0.59 -22.28
C TYR C 115 18.02 -0.29 -21.09
N GLU C 116 17.43 0.11 -19.93
CA GLU C 116 18.07 0.42 -18.64
C GLU C 116 18.96 -0.75 -18.11
N LYS C 117 18.41 -1.86 -17.53
CA LYS C 117 19.25 -2.97 -17.06
C LYS C 117 18.97 -4.24 -17.86
N PRO C 118 19.67 -4.43 -19.02
CA PRO C 118 19.44 -5.61 -19.87
C PRO C 118 19.80 -6.93 -19.22
N GLU C 119 20.79 -6.92 -18.33
CA GLU C 119 21.23 -8.09 -17.60
C GLU C 119 20.20 -8.55 -16.52
N ARG C 120 19.20 -7.66 -16.18
CA ARG C 120 18.13 -7.84 -15.17
C ARG C 120 16.71 -8.05 -15.76
N TRP C 121 16.48 -7.59 -16.99
CA TRP C 121 15.14 -7.68 -17.55
C TRP C 121 14.97 -8.59 -18.75
N SER C 122 16.09 -9.14 -19.28
CA SER C 122 16.17 -10.06 -20.43
C SER C 122 15.19 -11.21 -20.34
N PHE C 123 15.13 -11.89 -19.18
CA PHE C 123 14.20 -12.99 -19.00
C PHE C 123 12.74 -12.53 -19.01
N THR C 124 12.41 -11.46 -18.23
CA THR C 124 11.05 -10.90 -18.17
C THR C 124 10.61 -10.39 -19.55
N PHE C 125 11.52 -9.73 -20.30
CA PHE C 125 11.27 -9.20 -21.64
C PHE C 125 10.97 -10.25 -22.71
N GLN C 126 11.87 -11.23 -22.84
CA GLN C 126 11.77 -12.26 -23.88
C GLN C 126 10.59 -13.18 -23.69
N THR C 127 10.25 -13.47 -22.41
CA THR C 127 9.12 -14.28 -21.98
C THR C 127 7.82 -13.58 -22.40
N TYR C 128 7.64 -12.31 -21.96
CA TYR C 128 6.47 -11.48 -22.25
C TYR C 128 6.32 -11.24 -23.72
N ALA C 129 7.44 -10.93 -24.42
CA ALA C 129 7.45 -10.66 -25.86
C ALA C 129 7.02 -11.85 -26.69
N CYS C 130 7.42 -13.05 -26.27
CA CYS C 130 7.09 -14.29 -26.96
C CYS C 130 5.63 -14.64 -26.73
N LEU C 131 5.18 -14.57 -25.48
CA LEU C 131 3.82 -14.81 -25.02
C LEU C 131 2.87 -13.94 -25.84
N SER C 132 3.15 -12.61 -25.92
CA SER C 132 2.36 -11.63 -26.63
C SER C 132 2.23 -11.97 -28.06
N ARG C 133 3.33 -12.42 -28.69
CA ARG C 133 3.41 -12.80 -30.08
C ARG C 133 2.49 -14.00 -30.40
N ILE C 134 2.57 -15.10 -29.60
CA ILE C 134 1.77 -16.34 -29.76
C ILE C 134 0.29 -15.97 -29.73
N ARG C 135 -0.08 -15.26 -28.67
CA ARG C 135 -1.42 -14.77 -28.37
C ARG C 135 -2.05 -14.07 -29.61
N ALA C 136 -1.26 -13.20 -30.27
CA ALA C 136 -1.61 -12.38 -31.42
C ALA C 136 -1.82 -13.17 -32.71
N GLN C 137 -0.91 -14.11 -32.97
CA GLN C 137 -0.90 -14.90 -34.20
C GLN C 137 -2.05 -15.88 -34.24
N LEU C 138 -2.34 -16.57 -33.08
CA LEU C 138 -3.46 -17.52 -32.92
C LEU C 138 -4.79 -16.75 -33.11
N ALA C 139 -4.88 -15.56 -32.48
CA ALA C 139 -6.00 -14.64 -32.54
C ALA C 139 -6.36 -14.31 -33.98
N SER C 140 -5.34 -14.05 -34.80
CA SER C 140 -5.46 -13.71 -36.21
C SER C 140 -5.77 -14.91 -37.08
N LEU C 141 -5.25 -16.11 -36.71
CA LEU C 141 -5.49 -17.39 -37.39
C LEU C 141 -6.96 -17.83 -37.33
N ASN C 142 -7.73 -17.32 -36.33
CA ASN C 142 -9.18 -17.53 -36.14
C ASN C 142 -9.96 -16.35 -36.72
N GLY C 143 -9.24 -15.29 -37.03
CA GLY C 143 -9.82 -14.04 -37.47
C GLY C 143 -10.29 -13.90 -38.89
N LYS C 144 -11.39 -14.59 -39.13
CA LYS C 144 -12.25 -14.41 -40.31
C LYS C 144 -11.63 -14.66 -41.64
N LEU C 145 -10.34 -14.90 -41.60
CA LEU C 145 -9.53 -15.12 -42.78
C LEU C 145 -9.65 -16.58 -43.28
N LYS C 146 -9.90 -17.56 -42.33
CA LYS C 146 -10.08 -19.00 -42.60
C LYS C 146 -11.07 -19.22 -43.73
N ASP C 147 -12.07 -18.38 -43.78
CA ASP C 147 -13.00 -18.48 -44.87
C ASP C 147 -12.64 -17.32 -45.78
N ALA C 148 -11.92 -17.64 -46.84
CA ALA C 148 -11.54 -16.67 -47.85
C ALA C 148 -11.01 -17.43 -49.05
N GLU C 149 -10.93 -16.77 -50.19
CA GLU C 149 -10.48 -17.50 -51.36
C GLU C 149 -9.06 -18.02 -51.30
N LYS C 150 -8.12 -17.17 -50.95
CA LYS C 150 -6.74 -17.60 -50.90
C LYS C 150 -6.04 -16.80 -49.86
N PRO C 151 -6.35 -17.05 -48.60
CA PRO C 151 -5.74 -16.28 -47.53
C PRO C 151 -4.28 -16.59 -47.30
N VAL C 152 -3.55 -15.54 -46.98
CA VAL C 152 -2.13 -15.55 -46.63
C VAL C 152 -2.02 -14.65 -45.39
N LEU C 153 -1.29 -15.12 -44.38
CA LEU C 153 -1.09 -14.35 -43.15
C LEU C 153 0.43 -14.12 -42.99
N PHE C 154 0.87 -12.87 -42.99
CA PHE C 154 2.29 -12.52 -42.88
C PHE C 154 2.65 -12.15 -41.44
N PHE C 155 3.52 -12.94 -40.81
CA PHE C 155 3.95 -12.71 -39.45
C PHE C 155 5.20 -11.82 -39.45
N GLU C 156 5.15 -10.64 -38.73
CA GLU C 156 6.33 -9.78 -38.56
C GLU C 156 7.14 -10.54 -37.49
N ARG C 157 8.24 -11.23 -37.92
CA ARG C 157 9.10 -12.15 -37.17
C ARG C 157 8.30 -13.40 -36.69
N SER C 158 9.00 -14.38 -36.12
CA SER C 158 8.34 -15.60 -35.68
C SER C 158 8.77 -16.00 -34.30
N VAL C 159 8.16 -17.05 -33.80
CA VAL C 159 8.49 -17.60 -32.50
C VAL C 159 9.90 -18.16 -32.47
N TYR C 160 10.40 -18.47 -33.64
CA TYR C 160 11.73 -19.08 -33.88
C TYR C 160 12.90 -18.06 -33.77
N SER C 161 12.69 -16.84 -34.31
CA SER C 161 13.66 -15.75 -34.26
C SER C 161 13.74 -15.19 -32.85
N ASP C 162 12.66 -15.32 -32.03
CA ASP C 162 12.71 -14.85 -30.64
C ASP C 162 13.71 -15.69 -29.89
N ARG C 163 13.56 -17.01 -30.01
CA ARG C 163 14.42 -17.93 -29.32
C ARG C 163 15.81 -18.06 -29.95
N TYR C 164 15.90 -18.39 -31.25
CA TYR C 164 17.21 -18.67 -31.87
C TYR C 164 18.04 -17.43 -32.25
N ILE C 165 17.46 -16.24 -32.33
CA ILE C 165 18.26 -15.07 -32.67
C ILE C 165 18.40 -14.15 -31.48
N PHE C 166 17.29 -13.70 -30.88
CA PHE C 166 17.29 -12.71 -29.81
C PHE C 166 17.66 -13.27 -28.44
N ALA C 167 16.80 -14.13 -27.84
CA ALA C 167 17.02 -14.77 -26.53
C ALA C 167 18.40 -15.44 -26.46
N SER C 168 18.75 -16.20 -27.51
CA SER C 168 20.03 -16.88 -27.69
C SER C 168 21.16 -15.85 -27.49
N ASN C 169 21.22 -14.82 -28.34
CA ASN C 169 22.17 -13.71 -28.28
C ASN C 169 22.28 -13.13 -26.86
N LEU C 170 21.15 -12.84 -26.21
CA LEU C 170 21.11 -12.26 -24.85
C LEU C 170 21.74 -13.13 -23.83
N TYR C 171 21.57 -14.46 -23.94
CA TYR C 171 22.14 -15.44 -23.02
C TYR C 171 23.62 -15.46 -23.24
N GLU C 172 24.03 -15.45 -24.52
CA GLU C 172 25.42 -15.45 -24.96
C GLU C 172 26.13 -14.23 -24.43
N SER C 173 25.45 -13.09 -24.41
CA SER C 173 25.95 -11.83 -23.89
C SER C 173 25.74 -11.73 -22.36
N GLU C 174 25.67 -12.89 -21.67
CA GLU C 174 25.52 -13.04 -20.22
C GLU C 174 24.41 -12.14 -19.54
N CYS C 175 23.32 -11.84 -20.27
CA CYS C 175 22.19 -11.02 -19.76
C CYS C 175 21.05 -11.88 -19.22
N MET C 176 21.11 -13.19 -19.53
CA MET C 176 20.23 -14.26 -19.10
C MET C 176 21.17 -15.31 -18.58
N ASN C 177 20.96 -15.78 -17.33
CA ASN C 177 21.87 -16.79 -16.78
C ASN C 177 21.50 -18.20 -17.26
N GLU C 178 22.12 -19.24 -16.68
CA GLU C 178 21.90 -20.62 -17.09
C GLU C 178 20.47 -21.05 -16.78
N THR C 179 20.01 -20.76 -15.54
CA THR C 179 18.68 -21.02 -15.00
C THR C 179 17.65 -20.24 -15.83
N GLU C 180 17.86 -18.91 -15.99
CA GLU C 180 17.01 -18.03 -16.78
C GLU C 180 16.89 -18.64 -18.17
N TRP C 181 18.01 -19.03 -18.79
CA TRP C 181 18.03 -19.60 -20.12
C TRP C 181 17.30 -20.93 -20.25
N THR C 182 17.61 -21.91 -19.37
CA THR C 182 16.99 -23.25 -19.28
C THR C 182 15.48 -23.13 -19.14
N ILE C 183 15.01 -22.24 -18.23
CA ILE C 183 13.57 -21.99 -18.03
C ILE C 183 12.91 -21.48 -19.36
N TYR C 184 13.54 -20.53 -20.09
CA TYR C 184 13.05 -20.03 -21.38
C TYR C 184 12.98 -21.14 -22.44
N GLN C 185 14.04 -21.96 -22.55
CA GLN C 185 14.05 -23.09 -23.50
C GLN C 185 12.86 -24.01 -23.22
N ASP C 186 12.79 -24.57 -22.00
CA ASP C 186 11.73 -25.48 -21.52
C ASP C 186 10.30 -24.91 -21.70
N TRP C 187 10.17 -23.58 -21.49
CA TRP C 187 8.92 -22.84 -21.63
C TRP C 187 8.53 -22.80 -23.06
N HIS C 188 9.41 -22.21 -23.90
CA HIS C 188 9.26 -22.08 -25.36
C HIS C 188 8.81 -23.42 -25.95
N ASP C 189 9.63 -24.47 -25.74
CA ASP C 189 9.39 -25.85 -26.16
C ASP C 189 7.96 -26.30 -25.79
N TRP C 190 7.57 -26.20 -24.46
CA TRP C 190 6.24 -26.58 -23.99
C TRP C 190 5.15 -25.79 -24.69
N MET C 191 5.24 -24.43 -24.71
CA MET C 191 4.27 -23.52 -25.36
C MET C 191 4.00 -24.02 -26.76
N ASN C 192 5.05 -24.11 -27.59
CA ASN C 192 4.98 -24.53 -29.00
C ASN C 192 4.46 -25.93 -29.22
N ASN C 193 4.73 -26.85 -28.28
CA ASN C 193 4.23 -28.21 -28.34
C ASN C 193 2.70 -28.26 -28.11
N GLN C 194 2.19 -27.47 -27.14
CA GLN C 194 0.75 -27.43 -26.79
C GLN C 194 -0.13 -26.67 -27.81
N PHE C 195 0.26 -26.70 -29.11
CA PHE C 195 -0.42 -26.04 -30.24
C PHE C 195 -0.50 -26.92 -31.48
N GLY C 196 0.66 -27.47 -31.83
CA GLY C 196 0.84 -28.28 -33.02
C GLY C 196 0.98 -27.39 -34.23
N GLN C 197 0.62 -27.96 -35.41
CA GLN C 197 0.68 -27.38 -36.75
C GLN C 197 -0.05 -26.01 -36.91
N SER C 198 -0.69 -25.48 -35.82
CA SER C 198 -1.42 -24.20 -35.80
C SER C 198 -0.54 -23.01 -36.19
N LEU C 199 0.63 -22.87 -35.56
CA LEU C 199 1.56 -21.78 -35.81
C LEU C 199 2.66 -22.11 -36.85
N GLU C 200 2.78 -23.38 -37.28
CA GLU C 200 3.83 -23.79 -38.22
C GLU C 200 3.86 -22.91 -39.46
N LEU C 201 5.07 -22.57 -39.93
CA LEU C 201 5.24 -21.71 -41.09
C LEU C 201 5.24 -22.51 -42.37
N ASP C 202 4.66 -21.89 -43.42
CA ASP C 202 4.57 -22.41 -44.78
C ASP C 202 5.74 -21.89 -45.67
N GLY C 203 6.35 -20.78 -45.23
CA GLY C 203 7.48 -20.13 -45.89
C GLY C 203 8.06 -18.95 -45.13
N ILE C 204 9.29 -18.54 -45.49
CA ILE C 204 10.00 -17.41 -44.89
C ILE C 204 10.52 -16.44 -45.95
N ILE C 205 10.28 -15.12 -45.75
CA ILE C 205 10.78 -14.07 -46.63
C ILE C 205 11.87 -13.40 -45.80
N TYR C 206 13.13 -13.70 -46.11
CA TYR C 206 14.26 -13.17 -45.38
C TYR C 206 14.69 -11.85 -45.99
N LEU C 207 14.37 -10.74 -45.31
CA LEU C 207 14.79 -9.41 -45.75
C LEU C 207 16.23 -9.24 -45.31
N GLN C 208 17.09 -9.21 -46.30
CA GLN C 208 18.49 -9.13 -46.05
C GLN C 208 19.04 -7.78 -46.29
N ALA C 209 19.70 -7.26 -45.28
CA ALA C 209 20.39 -5.97 -45.31
C ALA C 209 21.71 -6.02 -44.51
N THR C 210 22.70 -5.22 -44.96
CA THR C 210 23.99 -5.12 -44.28
C THR C 210 23.82 -4.51 -42.86
N PRO C 211 24.55 -5.00 -41.81
CA PRO C 211 24.42 -4.39 -40.47
C PRO C 211 24.64 -2.87 -40.54
N GLU C 212 25.44 -2.41 -41.54
CA GLU C 212 25.68 -1.01 -41.80
C GLU C 212 24.37 -0.29 -42.22
N THR C 213 23.58 -0.87 -43.20
CA THR C 213 22.29 -0.33 -43.71
C THR C 213 21.31 -0.19 -42.54
N CYS C 214 21.17 -1.28 -41.77
CA CYS C 214 20.31 -1.33 -40.60
C CYS C 214 20.60 -0.24 -39.60
N LEU C 215 21.88 0.04 -39.37
CA LEU C 215 22.31 1.10 -38.48
C LEU C 215 21.90 2.46 -39.03
N HIS C 216 21.99 2.65 -40.37
CA HIS C 216 21.56 3.92 -40.97
C HIS C 216 20.02 4.07 -40.84
N ARG C 217 19.28 2.97 -41.14
CA ARG C 217 17.82 2.92 -41.02
C ARG C 217 17.33 2.97 -39.54
N ILE C 218 18.26 2.86 -38.56
CA ILE C 218 17.97 2.99 -37.12
C ILE C 218 17.95 4.50 -36.86
N TYR C 219 18.90 5.23 -37.48
CA TYR C 219 18.96 6.68 -37.37
C TYR C 219 17.72 7.25 -38.06
N LEU C 220 17.41 6.78 -39.30
CA LEU C 220 16.26 7.24 -40.09
C LEU C 220 14.95 7.19 -39.29
N ARG C 221 14.76 6.07 -38.52
CA ARG C 221 13.64 5.80 -37.60
C ARG C 221 13.68 6.76 -36.43
N GLY C 222 14.88 7.05 -35.93
CA GLY C 222 15.13 8.00 -34.86
C GLY C 222 14.66 7.64 -33.46
N ARG C 223 14.31 6.35 -33.19
CA ARG C 223 13.88 5.88 -31.86
C ARG C 223 15.02 6.15 -30.87
N ASN C 224 14.83 7.17 -30.04
CA ASN C 224 15.78 7.70 -29.06
C ASN C 224 16.60 6.64 -28.31
N GLU C 225 15.97 5.60 -27.77
CA GLU C 225 16.79 4.58 -27.13
C GLU C 225 17.67 3.77 -28.10
N GLU C 226 17.11 3.41 -29.25
CA GLU C 226 17.82 2.61 -30.27
C GLU C 226 19.07 3.29 -30.83
N GLN C 227 19.16 4.62 -30.71
CA GLN C 227 20.27 5.40 -31.28
C GLN C 227 21.66 5.00 -30.75
N GLY C 228 21.71 4.47 -29.53
CA GLY C 228 22.95 3.97 -28.93
C GLY C 228 23.47 2.70 -29.58
N ILE C 229 22.55 1.79 -30.03
CA ILE C 229 22.82 0.49 -30.67
C ILE C 229 24.06 0.53 -31.57
N PRO C 230 25.10 -0.32 -31.26
CA PRO C 230 26.35 -0.28 -32.02
C PRO C 230 26.36 -1.25 -33.18
N LEU C 231 27.25 -1.03 -34.16
CA LEU C 231 27.37 -1.90 -35.33
C LEU C 231 27.53 -3.35 -34.92
N GLU C 232 28.41 -3.59 -33.91
CA GLU C 232 28.77 -4.89 -33.32
C GLU C 232 27.56 -5.74 -32.88
N TYR C 233 26.51 -5.11 -32.28
CA TYR C 233 25.29 -5.82 -31.88
C TYR C 233 24.59 -6.26 -33.15
N LEU C 234 24.32 -5.31 -34.07
CA LEU C 234 23.65 -5.60 -35.33
C LEU C 234 24.36 -6.68 -36.15
N GLU C 235 25.72 -6.66 -36.23
CA GLU C 235 26.45 -7.69 -36.97
C GLU C 235 26.39 -9.03 -36.26
N LYS C 236 26.24 -9.05 -34.91
CA LYS C 236 26.14 -10.29 -34.14
C LYS C 236 24.85 -11.03 -34.53
N LEU C 237 23.71 -10.28 -34.56
CA LEU C 237 22.39 -10.81 -34.95
C LEU C 237 22.36 -11.07 -36.45
N HIS C 238 23.22 -10.39 -37.24
CA HIS C 238 23.28 -10.57 -38.68
C HIS C 238 23.82 -11.98 -39.00
N TYR C 239 25.00 -12.29 -38.45
CA TYR C 239 25.67 -13.57 -38.56
C TYR C 239 24.69 -14.66 -38.14
N LYS C 240 23.88 -14.37 -37.12
CA LYS C 240 22.85 -15.26 -36.59
C LYS C 240 21.70 -15.55 -37.59
N HIS C 241 21.24 -14.51 -38.34
CA HIS C 241 20.17 -14.65 -39.33
C HIS C 241 20.66 -15.53 -40.50
N GLU C 242 21.90 -15.22 -41.00
CA GLU C 242 22.61 -15.85 -42.13
C GLU C 242 22.82 -17.34 -41.91
N SER C 243 23.31 -17.74 -40.72
CA SER C 243 23.49 -19.16 -40.40
C SER C 243 22.14 -19.84 -40.38
N TRP C 244 21.08 -19.12 -39.97
CA TRP C 244 19.73 -19.69 -39.91
C TRP C 244 19.06 -19.81 -41.30
N LEU C 245 18.75 -18.67 -41.94
CA LEU C 245 18.00 -18.61 -43.20
C LEU C 245 18.84 -18.71 -44.50
N LEU C 246 20.07 -18.18 -44.52
CA LEU C 246 20.88 -18.28 -45.73
C LEU C 246 21.68 -19.60 -45.83
N HIS C 247 22.73 -19.80 -44.99
CA HIS C 247 23.61 -20.99 -45.00
C HIS C 247 22.89 -22.23 -44.52
N ARG C 248 21.89 -22.04 -43.66
CA ARG C 248 21.01 -23.03 -43.06
C ARG C 248 21.80 -24.12 -42.32
N THR C 249 22.54 -23.67 -41.28
CA THR C 249 23.41 -24.45 -40.39
C THR C 249 22.97 -24.31 -38.90
N LEU C 250 21.97 -23.44 -38.61
CA LEU C 250 21.52 -23.27 -37.23
C LEU C 250 20.53 -24.36 -36.86
N LYS C 251 20.92 -25.19 -35.87
CA LYS C 251 20.10 -26.29 -35.36
C LYS C 251 19.02 -25.76 -34.39
N THR C 252 17.73 -25.99 -34.77
CA THR C 252 16.52 -25.62 -34.03
C THR C 252 15.79 -26.89 -33.59
N ASN C 253 15.04 -26.80 -32.49
CA ASN C 253 14.24 -27.89 -31.91
C ASN C 253 13.04 -28.27 -32.78
N PHE C 254 12.67 -27.39 -33.68
CA PHE C 254 11.53 -27.60 -34.56
C PHE C 254 12.05 -28.11 -35.91
N ASP C 255 12.14 -29.46 -36.03
CA ASP C 255 12.66 -30.22 -37.17
C ASP C 255 11.99 -29.94 -38.52
N TYR C 256 10.75 -29.40 -38.52
CA TYR C 256 10.01 -29.09 -39.74
C TYR C 256 10.65 -27.94 -40.54
N LEU C 257 11.32 -27.00 -39.83
CA LEU C 257 12.00 -25.82 -40.39
C LEU C 257 13.06 -26.20 -41.43
N GLN C 258 13.79 -27.30 -41.17
CA GLN C 258 14.81 -27.85 -42.06
C GLN C 258 14.34 -27.93 -43.53
N GLU C 259 13.01 -28.15 -43.76
CA GLU C 259 12.38 -28.27 -45.08
C GLU C 259 11.27 -27.21 -45.27
N VAL C 260 11.56 -25.95 -44.90
CA VAL C 260 10.64 -24.81 -45.09
C VAL C 260 11.24 -23.86 -46.18
N PRO C 261 10.44 -23.44 -47.18
CA PRO C 261 11.00 -22.60 -48.26
C PRO C 261 11.31 -21.17 -47.86
N ILE C 262 12.60 -20.81 -48.02
CA ILE C 262 13.11 -19.48 -47.71
C ILE C 262 13.36 -18.66 -48.99
N LEU C 263 12.84 -17.43 -49.01
CA LEU C 263 13.00 -16.45 -50.08
C LEU C 263 13.85 -15.28 -49.53
N THR C 264 15.17 -15.22 -49.84
CA THR C 264 16.03 -14.12 -49.40
C THR C 264 15.83 -12.93 -50.36
N LEU C 265 15.70 -11.71 -49.85
CA LEU C 265 15.52 -10.53 -50.69
C LEU C 265 16.54 -9.51 -50.24
N ASP C 266 17.28 -8.93 -51.20
CA ASP C 266 18.31 -7.94 -50.88
C ASP C 266 17.71 -6.53 -50.71
N VAL C 267 17.12 -6.28 -49.50
CA VAL C 267 16.48 -5.00 -49.09
C VAL C 267 17.51 -3.88 -48.83
N ASN C 268 18.71 -4.00 -49.39
CA ASN C 268 19.76 -3.00 -49.22
C ASN C 268 19.39 -1.67 -49.89
N GLU C 269 18.95 -1.72 -51.17
CA GLU C 269 18.53 -0.52 -51.89
C GLU C 269 17.14 -0.17 -51.43
N ASP C 270 16.94 1.13 -51.10
CA ASP C 270 15.67 1.70 -50.64
C ASP C 270 14.54 1.31 -51.60
N PHE C 271 13.49 0.65 -51.05
CA PHE C 271 12.32 0.11 -51.76
C PHE C 271 11.04 0.79 -51.38
N LYS C 272 11.08 1.69 -50.36
CA LYS C 272 9.97 2.51 -49.85
C LYS C 272 9.05 2.96 -51.00
N ASP C 273 9.64 3.37 -52.15
CA ASP C 273 8.93 3.77 -53.36
C ASP C 273 9.56 3.10 -54.63
N LYS C 274 10.05 1.86 -54.48
CA LYS C 274 10.67 1.08 -55.56
C LYS C 274 10.58 -0.43 -55.22
N TYR C 275 9.38 -0.86 -54.82
CA TYR C 275 9.05 -2.21 -54.36
C TYR C 275 8.52 -3.17 -55.43
N GLU C 276 8.20 -2.67 -56.65
CA GLU C 276 7.60 -3.46 -57.74
C GLU C 276 8.34 -4.77 -58.08
N SER C 277 9.68 -4.75 -58.06
CA SER C 277 10.50 -5.94 -58.32
C SER C 277 10.35 -6.99 -57.19
N LEU C 278 10.40 -6.52 -55.92
CA LEU C 278 10.26 -7.31 -54.68
C LEU C 278 8.99 -8.15 -54.67
N VAL C 279 7.81 -7.49 -54.91
CA VAL C 279 6.45 -8.05 -54.93
C VAL C 279 6.29 -9.18 -55.96
N GLU C 280 6.84 -8.99 -57.19
CA GLU C 280 6.79 -9.98 -58.27
C GLU C 280 7.44 -11.30 -57.81
N LYS C 281 8.58 -11.20 -57.09
CA LYS C 281 9.31 -12.32 -56.54
C LYS C 281 8.48 -13.02 -55.46
N VAL C 282 7.87 -12.24 -54.57
CA VAL C 282 7.01 -12.73 -53.48
C VAL C 282 5.83 -13.52 -54.06
N LYS C 283 5.16 -12.97 -55.11
CA LYS C 283 4.00 -13.60 -55.76
C LYS C 283 4.36 -14.94 -56.42
N GLU C 284 5.56 -15.01 -57.07
CA GLU C 284 6.05 -16.26 -57.69
C GLU C 284 6.28 -17.23 -56.54
N PHE C 285 7.11 -16.84 -55.54
CA PHE C 285 7.41 -17.64 -54.36
C PHE C 285 6.13 -18.22 -53.74
N LEU C 286 5.13 -17.36 -53.50
CA LEU C 286 3.86 -17.73 -52.90
C LEU C 286 3.10 -18.77 -53.67
N SER C 287 3.10 -18.68 -55.02
CA SER C 287 2.43 -19.66 -55.87
C SER C 287 2.95 -21.10 -55.68
N THR C 288 4.26 -21.27 -55.30
CA THR C 288 4.94 -22.55 -55.06
C THR C 288 4.59 -23.22 -53.72
N LEU C 289 4.32 -22.41 -52.68
CA LEU C 289 3.99 -22.85 -51.31
C LEU C 289 2.64 -23.64 -51.17
N ARG D 49 -15.66 -38.61 -15.70
CA ARG D 49 -14.57 -37.68 -15.35
C ARG D 49 -14.25 -37.64 -13.83
N ILE D 50 -13.02 -37.18 -13.50
CA ILE D 50 -12.48 -37.09 -12.16
C ILE D 50 -12.92 -35.81 -11.46
N LYS D 51 -13.41 -35.91 -10.22
CA LYS D 51 -13.78 -34.75 -9.44
C LYS D 51 -12.48 -34.23 -8.85
N LYS D 52 -12.18 -32.95 -9.10
CA LYS D 52 -10.94 -32.28 -8.72
C LYS D 52 -11.00 -31.52 -7.37
N ILE D 53 -10.33 -32.06 -6.33
CA ILE D 53 -10.28 -31.36 -5.04
C ILE D 53 -8.88 -30.76 -4.83
N SER D 54 -8.82 -29.47 -4.41
CA SER D 54 -7.58 -28.75 -4.11
C SER D 54 -7.46 -28.68 -2.58
N ILE D 55 -6.27 -29.01 -2.07
CA ILE D 55 -5.92 -28.95 -0.66
C ILE D 55 -5.08 -27.68 -0.47
N GLU D 56 -5.62 -26.74 0.30
CA GLU D 56 -4.98 -25.46 0.60
C GLU D 56 -4.56 -25.43 2.04
N GLY D 57 -3.67 -24.51 2.36
CA GLY D 57 -3.15 -24.33 3.70
C GLY D 57 -1.84 -23.58 3.62
N ASN D 58 -1.35 -23.05 4.77
CA ASN D 58 -0.06 -22.31 4.89
C ASN D 58 1.17 -23.28 4.79
N ILE D 59 2.37 -22.73 4.84
CA ILE D 59 3.61 -23.54 4.85
C ILE D 59 3.69 -24.42 6.12
N ALA D 60 3.91 -25.73 5.96
CA ALA D 60 4.05 -26.76 7.02
C ALA D 60 2.77 -26.97 7.84
N ALA D 61 1.61 -26.60 7.27
CA ALA D 61 0.29 -26.75 7.92
C ALA D 61 -0.19 -28.22 8.08
N GLY D 62 0.33 -29.13 7.26
CA GLY D 62 0.01 -30.56 7.26
C GLY D 62 -0.62 -31.07 5.99
N LYS D 63 -0.33 -30.44 4.84
CA LYS D 63 -0.89 -30.82 3.56
C LYS D 63 -0.37 -32.15 3.04
N SER D 64 0.96 -32.33 2.99
CA SER D 64 1.55 -33.56 2.50
C SER D 64 1.13 -34.72 3.39
N THR D 65 1.22 -34.52 4.73
CA THR D 65 0.89 -35.49 5.77
C THR D 65 -0.56 -35.99 5.64
N PHE D 66 -1.48 -35.07 5.30
CA PHE D 66 -2.91 -35.38 5.10
C PHE D 66 -3.19 -35.98 3.74
N VAL D 67 -2.53 -35.49 2.72
CA VAL D 67 -2.77 -36.06 1.42
C VAL D 67 -2.32 -37.50 1.35
N ASN D 68 -1.12 -37.77 1.83
CA ASN D 68 -0.53 -39.11 1.86
C ASN D 68 -1.31 -40.10 2.71
N ILE D 69 -2.14 -39.61 3.65
CA ILE D 69 -2.98 -40.52 4.43
C ILE D 69 -4.20 -40.88 3.57
N LEU D 70 -4.78 -39.87 2.89
CA LEU D 70 -5.94 -39.97 2.01
C LEU D 70 -5.74 -40.94 0.85
N LYS D 71 -4.62 -40.78 0.10
CA LYS D 71 -4.24 -41.60 -1.07
C LYS D 71 -4.21 -43.10 -0.75
N GLN D 72 -3.72 -43.43 0.46
CA GLN D 72 -3.60 -44.79 0.97
C GLN D 72 -4.92 -45.31 1.58
N LEU D 73 -6.03 -44.53 1.45
CA LEU D 73 -7.33 -44.95 1.96
C LEU D 73 -8.32 -45.39 0.86
N SER D 74 -7.94 -45.23 -0.44
CA SER D 74 -8.75 -45.64 -1.59
C SER D 74 -7.97 -45.75 -2.90
N GLU D 75 -8.39 -46.72 -3.74
CA GLU D 75 -7.87 -46.99 -5.08
C GLU D 75 -8.33 -45.89 -6.05
N ASP D 76 -9.55 -45.34 -5.81
CA ASP D 76 -10.21 -44.28 -6.57
C ASP D 76 -9.45 -42.92 -6.48
N TRP D 77 -8.77 -42.67 -5.34
CA TRP D 77 -8.08 -41.42 -5.05
C TRP D 77 -6.62 -41.45 -5.34
N GLU D 78 -6.15 -40.35 -5.94
CA GLU D 78 -4.75 -40.11 -6.29
C GLU D 78 -4.42 -38.62 -6.07
N VAL D 79 -3.17 -38.39 -5.67
CA VAL D 79 -2.64 -37.09 -5.30
C VAL D 79 -1.74 -36.48 -6.38
N VAL D 80 -1.72 -35.13 -6.46
CA VAL D 80 -0.89 -34.34 -7.35
C VAL D 80 -0.01 -33.43 -6.48
N PRO D 81 1.28 -33.80 -6.30
CA PRO D 81 2.16 -32.98 -5.45
C PRO D 81 2.58 -31.67 -6.09
N GLU D 82 2.88 -30.69 -5.28
CA GLU D 82 3.31 -29.39 -5.75
C GLU D 82 4.70 -29.49 -6.31
N PRO D 83 4.96 -28.86 -7.45
CA PRO D 83 6.33 -28.95 -8.00
C PRO D 83 7.37 -28.26 -7.13
N VAL D 84 7.00 -27.15 -6.53
CA VAL D 84 7.93 -26.45 -5.66
C VAL D 84 8.31 -27.34 -4.48
N ALA D 85 7.33 -27.95 -3.86
CA ALA D 85 7.61 -28.87 -2.75
C ALA D 85 8.56 -29.95 -3.25
N ARG D 86 8.37 -30.39 -4.54
CA ARG D 86 9.17 -31.42 -5.19
C ARG D 86 10.61 -30.93 -5.45
N TRP D 87 10.87 -29.60 -5.39
CA TRP D 87 12.23 -29.05 -5.52
C TRP D 87 12.96 -28.93 -4.15
N SER D 88 12.32 -29.41 -3.05
CA SER D 88 12.84 -29.39 -1.66
C SER D 88 12.17 -30.43 -0.77
N GLN D 104 12.62 -29.36 -13.25
CA GLN D 104 13.73 -30.32 -13.14
C GLN D 104 14.94 -29.71 -12.39
N LYS D 105 16.12 -29.63 -13.08
CA LYS D 105 17.37 -29.05 -12.56
C LYS D 105 17.10 -27.56 -12.31
N ASN D 106 16.55 -26.88 -13.35
CA ASN D 106 16.14 -25.47 -13.39
C ASN D 106 15.24 -25.13 -12.21
N GLY D 107 14.53 -26.14 -11.71
CA GLY D 107 13.62 -26.04 -10.58
C GLY D 107 14.29 -25.99 -9.22
N GLY D 108 15.41 -26.71 -9.08
CA GLY D 108 16.17 -26.74 -7.85
C GLY D 108 16.72 -25.37 -7.52
N ASN D 109 17.58 -24.84 -8.43
CA ASN D 109 18.26 -23.55 -8.31
C ASN D 109 17.34 -22.39 -7.95
N VAL D 110 16.30 -22.16 -8.78
CA VAL D 110 15.32 -21.07 -8.72
C VAL D 110 14.67 -20.92 -7.33
N LEU D 111 14.42 -22.02 -6.61
CA LEU D 111 13.84 -21.94 -5.27
C LEU D 111 14.86 -21.35 -4.28
N GLN D 112 16.17 -21.70 -4.46
CA GLN D 112 17.30 -21.20 -3.67
C GLN D 112 17.37 -19.71 -4.00
N MET D 113 17.72 -19.42 -5.30
CA MET D 113 17.80 -18.09 -5.90
C MET D 113 16.68 -17.17 -5.40
N MET D 114 15.47 -17.74 -5.24
CA MET D 114 14.29 -17.01 -4.79
C MET D 114 14.47 -16.39 -3.44
N TYR D 115 14.93 -17.14 -2.42
CA TYR D 115 15.10 -16.57 -1.08
C TYR D 115 16.53 -15.99 -0.94
N GLU D 116 17.43 -16.41 -1.81
CA GLU D 116 18.78 -15.88 -1.79
C GLU D 116 18.72 -14.40 -2.11
N LYS D 117 17.87 -14.03 -3.07
CA LYS D 117 17.66 -12.64 -3.46
C LYS D 117 16.30 -12.47 -4.10
N PRO D 118 15.25 -12.48 -3.30
CA PRO D 118 13.84 -12.43 -3.65
C PRO D 118 13.37 -11.22 -4.42
N GLU D 119 13.98 -10.07 -4.24
CA GLU D 119 13.55 -8.86 -4.94
C GLU D 119 13.86 -8.94 -6.42
N ARG D 120 14.65 -9.93 -6.78
CA ARG D 120 15.19 -10.25 -8.10
C ARG D 120 14.48 -11.47 -8.79
N TRP D 121 14.12 -12.50 -8.01
CA TRP D 121 13.56 -13.73 -8.55
C TRP D 121 12.09 -14.00 -8.21
N SER D 122 11.39 -13.05 -7.54
CA SER D 122 9.98 -13.23 -7.19
C SER D 122 9.16 -13.62 -8.41
N PHE D 123 9.29 -12.86 -9.52
CA PHE D 123 8.61 -13.13 -10.80
C PHE D 123 9.10 -14.45 -11.46
N THR D 124 10.41 -14.55 -11.73
CA THR D 124 11.04 -15.69 -12.37
C THR D 124 10.57 -17.00 -11.74
N PHE D 125 10.54 -17.06 -10.41
CA PHE D 125 10.11 -18.24 -9.67
C PHE D 125 8.61 -18.47 -9.70
N GLN D 126 7.79 -17.46 -9.31
CA GLN D 126 6.32 -17.55 -9.33
C GLN D 126 5.71 -17.99 -10.69
N THR D 127 6.35 -17.58 -11.84
CA THR D 127 5.89 -17.94 -13.18
C THR D 127 6.20 -19.41 -13.42
N TYR D 128 7.49 -19.82 -13.25
CA TYR D 128 7.97 -21.20 -13.44
C TYR D 128 7.20 -22.24 -12.63
N ALA D 129 6.90 -21.93 -11.36
CA ALA D 129 6.17 -22.78 -10.43
C ALA D 129 4.77 -23.02 -10.97
N CYS D 130 4.06 -21.94 -11.31
CA CYS D 130 2.70 -21.96 -11.86
C CYS D 130 2.60 -22.71 -13.16
N LEU D 131 3.57 -22.50 -14.04
CA LEU D 131 3.63 -23.19 -15.31
C LEU D 131 3.84 -24.66 -15.06
N SER D 132 4.70 -24.98 -14.11
CA SER D 132 5.00 -26.35 -13.73
C SER D 132 3.79 -27.05 -13.15
N ARG D 133 2.98 -26.33 -12.35
CA ARG D 133 1.73 -26.84 -11.78
C ARG D 133 0.76 -27.29 -12.93
N ILE D 134 0.32 -26.35 -13.79
CA ILE D 134 -0.58 -26.60 -14.94
C ILE D 134 -0.19 -27.89 -15.68
N ARG D 135 1.14 -28.08 -15.89
CA ARG D 135 1.74 -29.23 -16.56
C ARG D 135 1.45 -30.53 -15.82
N ALA D 136 1.71 -30.56 -14.51
CA ALA D 136 1.49 -31.73 -13.68
C ALA D 136 -0.01 -32.01 -13.51
N GLN D 137 -0.80 -30.98 -13.29
CA GLN D 137 -2.21 -31.19 -13.10
C GLN D 137 -2.82 -31.75 -14.36
N LEU D 138 -2.43 -31.23 -15.51
CA LEU D 138 -2.95 -31.74 -16.80
C LEU D 138 -2.51 -33.18 -17.04
N ALA D 139 -1.26 -33.52 -16.70
CA ALA D 139 -0.70 -34.86 -16.88
C ALA D 139 -1.37 -35.89 -16.00
N SER D 140 -1.68 -35.51 -14.75
CA SER D 140 -2.32 -36.37 -13.78
C SER D 140 -3.71 -36.77 -14.24
N LEU D 141 -4.45 -35.78 -14.78
CA LEU D 141 -5.83 -35.94 -15.26
C LEU D 141 -5.99 -36.96 -16.39
N ASN D 142 -4.98 -37.12 -17.25
CA ASN D 142 -5.07 -38.08 -18.35
C ASN D 142 -4.68 -39.50 -17.93
N GLY D 143 -3.99 -39.62 -16.79
CA GLY D 143 -3.52 -40.86 -16.20
C GLY D 143 -4.61 -41.86 -15.88
N LYS D 144 -4.20 -43.15 -15.69
CA LYS D 144 -4.98 -44.38 -15.40
C LYS D 144 -6.23 -44.20 -14.50
N LEU D 145 -6.27 -43.13 -13.68
CA LEU D 145 -7.37 -42.79 -12.78
C LEU D 145 -8.74 -42.73 -13.49
N LYS D 146 -8.79 -42.06 -14.69
CA LYS D 146 -9.96 -41.81 -15.53
C LYS D 146 -10.92 -43.00 -15.72
N ASP D 147 -10.36 -44.21 -15.98
CA ASP D 147 -11.12 -45.45 -16.22
C ASP D 147 -11.97 -45.94 -15.03
N ALA D 148 -11.52 -45.67 -13.78
CA ALA D 148 -12.18 -46.10 -12.53
C ALA D 148 -13.50 -45.39 -12.20
N GLU D 149 -14.38 -46.06 -11.44
CA GLU D 149 -15.67 -45.54 -11.00
C GLU D 149 -15.41 -44.58 -9.84
N LYS D 150 -16.21 -43.49 -9.73
CA LYS D 150 -16.10 -42.43 -8.69
C LYS D 150 -14.64 -41.92 -8.43
N PRO D 151 -13.86 -41.47 -9.47
CA PRO D 151 -12.46 -41.06 -9.20
C PRO D 151 -12.34 -39.65 -8.63
N VAL D 152 -11.42 -39.48 -7.65
CA VAL D 152 -11.13 -38.18 -7.02
C VAL D 152 -9.63 -37.92 -7.18
N LEU D 153 -9.29 -36.69 -7.54
CA LEU D 153 -7.91 -36.28 -7.70
C LEU D 153 -7.66 -35.11 -6.74
N PHE D 154 -6.70 -35.29 -5.84
CA PHE D 154 -6.39 -34.28 -4.83
C PHE D 154 -5.13 -33.48 -5.16
N PHE D 155 -5.30 -32.18 -5.39
CA PHE D 155 -4.24 -31.23 -5.73
C PHE D 155 -3.63 -30.56 -4.51
N GLU D 156 -2.28 -30.61 -4.40
CA GLU D 156 -1.52 -29.91 -3.38
C GLU D 156 -1.48 -28.49 -3.96
N ARG D 157 -2.31 -27.58 -3.37
CA ARG D 157 -2.54 -26.17 -3.74
C ARG D 157 -3.09 -26.01 -5.19
N SER D 158 -3.33 -24.76 -5.63
CA SER D 158 -3.93 -24.52 -6.94
C SER D 158 -3.46 -23.25 -7.62
N VAL D 159 -3.63 -23.15 -8.95
CA VAL D 159 -3.27 -21.96 -9.73
C VAL D 159 -3.83 -20.67 -9.09
N TYR D 160 -4.93 -20.78 -8.31
CA TYR D 160 -5.64 -19.70 -7.59
C TYR D 160 -4.87 -19.21 -6.34
N SER D 161 -4.21 -20.14 -5.62
CA SER D 161 -3.40 -19.86 -4.46
C SER D 161 -2.01 -19.40 -4.83
N ASP D 162 -1.55 -19.65 -6.08
CA ASP D 162 -0.24 -19.18 -6.53
C ASP D 162 -0.34 -17.67 -6.73
N ARG D 163 -1.40 -17.22 -7.45
CA ARG D 163 -1.61 -15.82 -7.75
C ARG D 163 -2.14 -15.00 -6.58
N TYR D 164 -3.26 -15.45 -5.97
CA TYR D 164 -3.98 -14.69 -4.94
C TYR D 164 -3.38 -14.76 -3.50
N ILE D 165 -2.50 -15.75 -3.20
CA ILE D 165 -1.84 -15.82 -1.89
C ILE D 165 -0.35 -15.59 -2.02
N PHE D 166 0.36 -16.41 -2.80
CA PHE D 166 1.81 -16.26 -2.85
C PHE D 166 2.29 -15.04 -3.68
N ALA D 167 1.93 -14.97 -4.98
CA ALA D 167 2.32 -13.88 -5.88
C ALA D 167 1.89 -12.54 -5.36
N SER D 168 0.61 -12.44 -4.92
CA SER D 168 -0.01 -11.24 -4.33
C SER D 168 0.85 -10.76 -3.17
N ASN D 169 1.18 -11.68 -2.22
CA ASN D 169 2.04 -11.42 -1.06
C ASN D 169 3.44 -10.93 -1.46
N LEU D 170 4.07 -11.54 -2.51
CA LEU D 170 5.37 -11.09 -3.01
C LEU D 170 5.30 -9.66 -3.64
N TYR D 171 4.20 -9.35 -4.39
CA TYR D 171 4.01 -8.01 -4.96
C TYR D 171 3.86 -6.99 -3.86
N GLU D 172 3.03 -7.31 -2.85
CA GLU D 172 2.76 -6.45 -1.70
C GLU D 172 4.02 -6.26 -0.85
N SER D 173 4.81 -7.33 -0.64
CA SER D 173 6.07 -7.27 0.10
C SER D 173 7.17 -6.50 -0.66
N GLU D 174 6.78 -5.80 -1.75
CA GLU D 174 7.62 -4.98 -2.64
C GLU D 174 8.75 -5.82 -3.30
N CYS D 175 8.45 -7.09 -3.67
CA CYS D 175 9.38 -8.05 -4.30
C CYS D 175 9.19 -8.21 -5.82
N MET D 176 8.11 -7.61 -6.36
CA MET D 176 7.76 -7.54 -7.77
C MET D 176 7.28 -6.13 -8.02
N ASN D 177 7.92 -5.40 -8.97
CA ASN D 177 7.48 -4.04 -9.24
C ASN D 177 6.15 -4.08 -9.97
N GLU D 178 5.41 -2.95 -10.00
CA GLU D 178 4.10 -2.88 -10.65
C GLU D 178 4.09 -3.66 -12.01
N THR D 179 5.14 -3.46 -12.86
CA THR D 179 5.29 -4.13 -14.17
C THR D 179 5.39 -5.65 -14.03
N GLU D 180 6.27 -6.15 -13.14
CA GLU D 180 6.44 -7.58 -12.88
C GLU D 180 5.05 -8.18 -12.53
N TRP D 181 4.28 -7.52 -11.64
CA TRP D 181 2.96 -7.96 -11.18
C TRP D 181 1.87 -7.98 -12.26
N THR D 182 1.86 -6.95 -13.10
CA THR D 182 0.90 -6.82 -14.19
C THR D 182 1.25 -7.85 -15.29
N ILE D 183 2.56 -8.06 -15.57
CA ILE D 183 2.99 -9.08 -16.53
C ILE D 183 2.61 -10.49 -15.99
N TYR D 184 2.72 -10.70 -14.66
CA TYR D 184 2.35 -11.99 -14.05
C TYR D 184 0.88 -12.29 -14.23
N GLN D 185 0.03 -11.36 -13.82
CA GLN D 185 -1.41 -11.51 -13.94
C GLN D 185 -1.84 -11.66 -15.40
N ASP D 186 -1.25 -10.88 -16.33
CA ASP D 186 -1.59 -11.01 -17.75
C ASP D 186 -1.32 -12.44 -18.24
N TRP D 187 -0.21 -13.02 -17.82
CA TRP D 187 0.25 -14.35 -18.17
C TRP D 187 -0.65 -15.42 -17.55
N HIS D 188 -0.87 -15.32 -16.25
CA HIS D 188 -1.69 -16.22 -15.42
C HIS D 188 -3.12 -16.30 -15.94
N ASP D 189 -3.68 -15.13 -16.35
CA ASP D 189 -5.02 -14.97 -16.92
C ASP D 189 -5.11 -15.59 -18.34
N TRP D 190 -4.03 -15.55 -19.10
CA TRP D 190 -4.05 -16.20 -20.39
C TRP D 190 -3.94 -17.71 -20.33
N MET D 191 -2.95 -18.18 -19.57
CA MET D 191 -2.70 -19.60 -19.48
C MET D 191 -3.87 -20.32 -18.89
N ASN D 192 -4.47 -19.77 -17.86
CA ASN D 192 -5.60 -20.44 -17.28
C ASN D 192 -6.76 -20.54 -18.25
N ASN D 193 -7.00 -19.49 -19.01
CA ASN D 193 -8.06 -19.51 -19.99
C ASN D 193 -7.82 -20.55 -21.06
N GLN D 194 -6.57 -20.74 -21.48
CA GLN D 194 -6.31 -21.72 -22.53
C GLN D 194 -6.06 -23.16 -22.11
N PHE D 195 -4.85 -23.41 -21.63
CA PHE D 195 -4.37 -24.72 -21.21
C PHE D 195 -4.97 -25.20 -19.89
N GLY D 196 -5.08 -24.30 -18.93
CA GLY D 196 -5.63 -24.62 -17.61
C GLY D 196 -7.15 -24.65 -17.52
N GLN D 197 -7.82 -25.04 -18.64
CA GLN D 197 -9.29 -25.09 -18.73
C GLN D 197 -9.92 -26.23 -17.91
N SER D 198 -9.48 -27.50 -18.15
CA SER D 198 -9.94 -28.73 -17.49
C SER D 198 -9.63 -28.80 -15.99
N LEU D 199 -8.63 -28.01 -15.51
CA LEU D 199 -8.20 -27.95 -14.10
C LEU D 199 -9.19 -27.22 -13.14
N GLU D 200 -10.40 -26.88 -13.61
CA GLU D 200 -11.42 -26.22 -12.80
C GLU D 200 -11.84 -27.16 -11.69
N LEU D 201 -11.92 -26.63 -10.46
CA LEU D 201 -12.19 -27.40 -9.26
C LEU D 201 -13.66 -27.67 -8.95
N ASP D 202 -13.90 -28.80 -8.28
CA ASP D 202 -15.20 -29.27 -7.82
C ASP D 202 -15.33 -28.86 -6.35
N GLY D 203 -14.22 -28.94 -5.61
CA GLY D 203 -14.16 -28.57 -4.21
C GLY D 203 -12.78 -28.25 -3.69
N ILE D 204 -12.71 -27.56 -2.54
CA ILE D 204 -11.46 -27.15 -1.89
C ILE D 204 -11.53 -27.64 -0.44
N ILE D 205 -10.38 -28.08 0.13
CA ILE D 205 -10.27 -28.54 1.52
C ILE D 205 -9.21 -27.69 2.21
N TYR D 206 -9.65 -26.78 3.09
CA TYR D 206 -8.80 -25.86 3.79
C TYR D 206 -8.20 -26.47 5.05
N LEU D 207 -6.87 -26.55 5.09
CA LEU D 207 -6.14 -27.06 6.25
C LEU D 207 -5.70 -25.84 7.03
N GLN D 208 -6.58 -25.41 7.94
CA GLN D 208 -6.40 -24.24 8.78
C GLN D 208 -5.63 -24.60 10.04
N ALA D 209 -4.50 -23.93 10.25
CA ALA D 209 -3.57 -24.04 11.38
C ALA D 209 -3.07 -22.59 11.68
N THR D 210 -2.59 -22.30 12.89
CA THR D 210 -2.12 -20.95 13.22
C THR D 210 -0.77 -20.66 12.58
N PRO D 211 -0.37 -19.38 12.37
CA PRO D 211 0.99 -19.12 11.88
C PRO D 211 2.03 -19.72 12.82
N GLU D 212 1.68 -19.86 14.11
CA GLU D 212 2.52 -20.47 15.14
C GLU D 212 2.65 -22.00 14.92
N THR D 213 1.52 -22.71 14.73
CA THR D 213 1.56 -24.17 14.47
C THR D 213 2.43 -24.45 13.24
N CYS D 214 2.30 -23.63 12.19
CA CYS D 214 3.07 -23.78 10.96
C CYS D 214 4.53 -23.62 11.21
N LEU D 215 4.92 -22.60 11.99
CA LEU D 215 6.31 -22.30 12.33
C LEU D 215 6.98 -23.45 13.07
N HIS D 216 6.22 -24.14 13.92
CA HIS D 216 6.75 -25.29 14.66
C HIS D 216 7.08 -26.40 13.67
N ARG D 217 6.08 -26.82 12.91
CA ARG D 217 6.18 -27.83 11.89
C ARG D 217 7.20 -27.45 10.79
N ILE D 218 7.48 -26.13 10.54
CA ILE D 218 8.48 -25.66 9.54
C ILE D 218 9.83 -26.09 10.06
N TYR D 219 10.05 -25.86 11.38
CA TYR D 219 11.25 -26.19 12.12
C TYR D 219 11.40 -27.70 12.15
N LEU D 220 10.32 -28.45 12.53
CA LEU D 220 10.25 -29.93 12.54
C LEU D 220 10.73 -30.56 11.22
N ARG D 221 10.19 -30.06 10.09
CA ARG D 221 10.50 -30.47 8.73
C ARG D 221 12.00 -30.39 8.54
N GLY D 222 12.57 -29.24 8.87
CA GLY D 222 14.01 -29.01 8.76
C GLY D 222 14.50 -28.52 7.42
N ARG D 223 13.58 -28.22 6.44
CA ARG D 223 13.98 -27.69 5.13
C ARG D 223 14.74 -26.42 5.46
N ASN D 224 16.01 -26.33 5.02
CA ASN D 224 16.89 -25.21 5.39
C ASN D 224 16.68 -23.95 4.56
N GLU D 225 16.20 -24.06 3.29
CA GLU D 225 15.90 -22.88 2.46
C GLU D 225 14.64 -22.10 2.95
N GLU D 226 14.10 -22.51 4.13
CA GLU D 226 12.91 -21.98 4.79
C GLU D 226 13.08 -21.84 6.30
N GLN D 227 14.16 -22.41 6.85
CA GLN D 227 14.48 -22.42 8.28
C GLN D 227 14.54 -21.04 8.97
N GLY D 228 14.59 -19.98 8.17
CA GLY D 228 14.63 -18.62 8.68
C GLY D 228 13.40 -17.78 8.41
N ILE D 229 12.29 -18.42 7.94
CA ILE D 229 11.03 -17.73 7.67
C ILE D 229 10.48 -17.14 8.98
N PRO D 230 10.25 -15.81 9.08
CA PRO D 230 9.77 -15.23 10.34
C PRO D 230 8.27 -15.48 10.56
N LEU D 231 7.72 -15.10 11.73
CA LEU D 231 6.29 -15.30 11.95
C LEU D 231 5.50 -14.30 11.13
N GLU D 232 5.97 -13.03 11.07
CA GLU D 232 5.37 -11.93 10.28
C GLU D 232 5.02 -12.39 8.89
N TYR D 233 5.87 -13.21 8.26
CA TYR D 233 5.67 -13.72 6.92
C TYR D 233 4.58 -14.77 6.87
N LEU D 234 4.53 -15.66 7.86
CA LEU D 234 3.51 -16.73 7.88
C LEU D 234 2.09 -16.15 8.09
N GLU D 235 2.01 -15.14 8.98
CA GLU D 235 0.86 -14.36 9.42
C GLU D 235 0.22 -13.69 8.19
N LYS D 236 1.04 -12.97 7.43
CA LYS D 236 0.63 -12.34 6.19
C LYS D 236 -0.01 -13.37 5.27
N LEU D 237 0.51 -14.62 5.25
CA LEU D 237 -0.04 -15.69 4.39
C LEU D 237 -1.30 -16.28 4.95
N HIS D 238 -1.33 -16.47 6.27
CA HIS D 238 -2.45 -17.01 7.02
C HIS D 238 -3.70 -16.16 6.76
N TYR D 239 -3.59 -14.82 6.96
CA TYR D 239 -4.63 -13.83 6.74
C TYR D 239 -5.18 -13.90 5.33
N LYS D 240 -4.31 -14.06 4.33
CA LYS D 240 -4.66 -14.21 2.91
C LYS D 240 -5.52 -15.46 2.59
N HIS D 241 -5.31 -16.59 3.31
CA HIS D 241 -6.10 -17.84 3.13
C HIS D 241 -7.48 -17.60 3.75
N GLU D 242 -7.49 -17.12 5.01
CA GLU D 242 -8.66 -16.80 5.81
C GLU D 242 -9.60 -15.87 5.04
N SER D 243 -9.02 -14.87 4.38
CA SER D 243 -9.75 -13.92 3.55
C SER D 243 -10.38 -14.62 2.35
N TRP D 244 -9.63 -15.53 1.70
CA TRP D 244 -10.08 -16.27 0.52
C TRP D 244 -11.07 -17.38 0.81
N LEU D 245 -10.66 -18.31 1.67
CA LEU D 245 -11.41 -19.52 2.01
C LEU D 245 -12.37 -19.39 3.17
N LEU D 246 -12.00 -18.72 4.27
CA LEU D 246 -12.90 -18.60 5.43
C LEU D 246 -13.94 -17.45 5.31
N HIS D 247 -13.50 -16.18 5.41
CA HIS D 247 -14.40 -15.02 5.36
C HIS D 247 -14.97 -14.76 3.97
N ARG D 248 -14.34 -15.39 2.92
CA ARG D 248 -14.69 -15.33 1.49
C ARG D 248 -14.93 -13.89 1.03
N THR D 249 -13.89 -13.07 1.21
CA THR D 249 -13.86 -11.65 0.90
C THR D 249 -12.78 -11.33 -0.13
N LEU D 250 -11.98 -12.34 -0.50
CA LEU D 250 -10.94 -12.20 -1.52
C LEU D 250 -11.56 -12.42 -2.89
N LYS D 251 -11.76 -11.32 -3.62
CA LYS D 251 -12.28 -11.40 -4.98
C LYS D 251 -11.18 -11.84 -5.98
N THR D 252 -11.54 -12.81 -6.84
CA THR D 252 -10.69 -13.36 -7.89
C THR D 252 -11.34 -13.04 -9.24
N ASN D 253 -10.59 -13.29 -10.33
CA ASN D 253 -11.00 -13.12 -11.74
C ASN D 253 -11.74 -14.37 -12.22
N PHE D 254 -11.69 -15.45 -11.39
CA PHE D 254 -12.23 -16.79 -11.64
C PHE D 254 -13.60 -17.02 -10.96
N ASP D 255 -14.62 -16.30 -11.46
CA ASP D 255 -16.04 -16.26 -11.04
C ASP D 255 -16.60 -17.57 -10.49
N TYR D 256 -16.31 -18.70 -11.16
CA TYR D 256 -16.78 -20.03 -10.76
C TYR D 256 -16.46 -20.33 -9.28
N LEU D 257 -15.26 -19.93 -8.79
CA LEU D 257 -14.80 -20.11 -7.41
C LEU D 257 -15.77 -19.59 -6.37
N GLN D 258 -16.57 -18.54 -6.72
CA GLN D 258 -17.57 -17.91 -5.83
C GLN D 258 -18.60 -18.91 -5.31
N GLU D 259 -18.97 -19.91 -6.14
CA GLU D 259 -19.93 -20.97 -5.81
C GLU D 259 -19.25 -22.37 -5.62
N VAL D 260 -17.96 -22.41 -5.12
CA VAL D 260 -17.20 -23.65 -4.87
C VAL D 260 -17.22 -24.02 -3.40
N PRO D 261 -17.78 -25.20 -3.07
CA PRO D 261 -17.82 -25.61 -1.66
C PRO D 261 -16.46 -25.84 -1.02
N ILE D 262 -16.38 -25.48 0.25
CA ILE D 262 -15.15 -25.58 1.04
C ILE D 262 -15.42 -26.39 2.35
N LEU D 263 -14.48 -27.31 2.67
CA LEU D 263 -14.42 -28.07 3.92
C LEU D 263 -13.19 -27.49 4.65
N THR D 264 -13.41 -26.92 5.85
CA THR D 264 -12.33 -26.34 6.67
C THR D 264 -12.09 -27.30 7.80
N LEU D 265 -10.82 -27.63 8.04
CA LEU D 265 -10.42 -28.57 9.09
C LEU D 265 -9.35 -27.91 9.93
N ASP D 266 -9.50 -27.98 11.27
CA ASP D 266 -8.49 -27.42 12.14
C ASP D 266 -7.44 -28.50 12.30
N VAL D 267 -6.29 -28.29 11.69
CA VAL D 267 -5.17 -29.22 11.73
C VAL D 267 -4.11 -28.78 12.74
N ASN D 268 -4.53 -28.06 13.83
CA ASN D 268 -3.59 -27.60 14.84
C ASN D 268 -3.10 -28.72 15.72
N GLU D 269 -3.97 -29.70 16.02
CA GLU D 269 -3.61 -30.88 16.82
C GLU D 269 -3.00 -31.88 15.86
N ASP D 270 -1.89 -32.53 16.28
CA ASP D 270 -1.20 -33.51 15.45
C ASP D 270 -2.21 -34.54 15.02
N PHE D 271 -2.41 -34.64 13.71
CA PHE D 271 -3.36 -35.57 13.13
C PHE D 271 -2.65 -36.82 12.61
N LYS D 272 -1.34 -36.76 12.56
CA LYS D 272 -0.54 -37.77 11.90
C LYS D 272 -0.94 -39.16 12.28
N ASP D 273 -1.13 -39.39 13.55
CA ASP D 273 -1.56 -40.68 14.06
C ASP D 273 -3.03 -40.72 14.53
N LYS D 274 -3.65 -39.56 14.82
CA LYS D 274 -5.05 -39.51 15.27
C LYS D 274 -5.92 -38.74 14.25
N TYR D 275 -6.09 -39.32 13.06
CA TYR D 275 -6.89 -38.71 11.97
C TYR D 275 -8.32 -39.20 11.67
N GLU D 276 -8.71 -40.31 12.25
CA GLU D 276 -10.04 -40.92 12.05
C GLU D 276 -11.22 -39.92 11.97
N SER D 277 -11.09 -38.78 12.69
CA SER D 277 -12.10 -37.73 12.73
C SER D 277 -12.13 -36.91 11.44
N LEU D 278 -10.94 -36.53 10.94
CA LEU D 278 -10.79 -35.74 9.71
C LEU D 278 -11.26 -36.51 8.48
N VAL D 279 -10.98 -37.83 8.44
CA VAL D 279 -11.31 -38.68 7.30
C VAL D 279 -12.82 -38.85 7.17
N GLU D 280 -13.56 -38.95 8.29
CA GLU D 280 -15.01 -39.04 8.17
C GLU D 280 -15.56 -37.71 7.59
N LYS D 281 -14.93 -36.57 7.97
CA LYS D 281 -15.30 -35.24 7.48
C LYS D 281 -15.05 -35.07 5.98
N VAL D 282 -13.86 -35.48 5.47
CA VAL D 282 -13.54 -35.43 4.04
C VAL D 282 -14.50 -36.35 3.24
N LYS D 283 -14.81 -37.54 3.78
CA LYS D 283 -15.73 -38.51 3.17
C LYS D 283 -17.16 -37.94 3.09
N GLU D 284 -17.63 -37.28 4.18
CA GLU D 284 -18.95 -36.66 4.24
C GLU D 284 -19.09 -35.52 3.25
N PHE D 285 -18.00 -34.72 3.09
CA PHE D 285 -17.92 -33.59 2.16
C PHE D 285 -17.95 -34.11 0.75
N LEU D 286 -17.04 -35.08 0.45
CA LEU D 286 -16.92 -35.67 -0.88
C LEU D 286 -18.23 -36.17 -1.40
N SER D 287 -19.04 -36.84 -0.55
CA SER D 287 -20.36 -37.37 -0.92
C SER D 287 -21.41 -36.27 -1.23
N THR D 288 -21.20 -35.03 -0.73
CA THR D 288 -22.14 -33.92 -1.01
C THR D 288 -21.83 -33.26 -2.37
N LEU D 289 -20.55 -33.29 -2.80
CA LEU D 289 -20.10 -32.79 -4.10
C LEU D 289 -20.77 -33.59 -5.25
#